data_6KC4
#
_entry.id   6KC4
#
_cell.length_a   34.700
_cell.length_b   186.661
_cell.length_c   50.580
_cell.angle_alpha   90.000
_cell.angle_beta   96.960
_cell.angle_gamma   90.000
#
_symmetry.space_group_name_H-M   'P 1 21 1'
#
loop_
_entity.id
_entity.type
_entity.pdbx_description
1 polymer 'Tyrosine-protein kinase Fer'
2 polymer 'phosphopeptide (EDpYENVD)'
3 water water
#
loop_
_entity_poly.entity_id
_entity_poly.type
_entity_poly.pdbx_seq_one_letter_code
_entity_poly.pdbx_strand_id
1 'polypeptide(L)'
;GSKPLAEQDWYHGAIPRIEAQELLKKQGDFLVRESHGKPGEYVLSVYSDGQRRHFIIQYVDNMYRFEGTGFSNIPQLIDH
HYTTKQVITKKSGVVLLNPIPK
;
A,C,E,G,I,K
2 'polypeptide(L)' DE(PTR)ENVD B,D,F,H,J,L
#
# COMPACT_ATOMS: atom_id res chain seq x y z
N SER A 2 -0.43 -9.53 34.71
CA SER A 2 -1.36 -8.51 35.17
C SER A 2 -0.92 -7.12 34.71
N LYS A 3 0.05 -7.09 33.78
CA LYS A 3 0.52 -5.83 33.23
C LYS A 3 -0.47 -5.30 32.19
N PRO A 4 -0.59 -3.98 32.06
CA PRO A 4 -1.64 -3.42 31.19
C PRO A 4 -1.29 -3.49 29.71
N LEU A 5 -2.34 -3.62 28.89
CA LEU A 5 -2.18 -3.66 27.43
C LEU A 5 -1.48 -2.42 26.92
N ALA A 6 -1.83 -1.25 27.46
CA ALA A 6 -1.30 0.01 26.96
C ALA A 6 0.20 0.12 27.17
N GLU A 7 0.79 -0.73 28.01
CA GLU A 7 2.23 -0.72 28.23
C GLU A 7 2.96 -1.82 27.45
N GLN A 8 2.26 -2.58 26.61
CA GLN A 8 2.90 -3.61 25.79
C GLN A 8 3.30 -3.04 24.43
N ASP A 9 4.52 -3.36 24.00
CA ASP A 9 5.03 -2.81 22.74
C ASP A 9 4.15 -3.21 21.56
N TRP A 10 3.56 -4.41 21.59
CA TRP A 10 2.83 -4.99 20.47
C TRP A 10 1.36 -4.62 20.47
N TYR A 11 0.89 -3.79 21.40
CA TYR A 11 -0.51 -3.42 21.44
C TYR A 11 -0.69 -2.09 20.72
N HIS A 12 -1.50 -2.07 19.67
CA HIS A 12 -1.67 -0.90 18.81
C HIS A 12 -3.01 -0.21 18.96
N GLY A 13 -3.81 -0.60 19.94
CA GLY A 13 -5.06 0.15 20.15
C GLY A 13 -6.03 -0.04 19.00
N ALA A 14 -6.67 1.05 18.60
CA ALA A 14 -7.78 0.97 17.64
C ALA A 14 -7.36 1.16 16.19
N ILE A 15 -6.13 0.83 15.82
CA ILE A 15 -5.78 0.94 14.40
C ILE A 15 -6.64 -0.01 13.58
N PRO A 16 -7.10 0.39 12.40
CA PRO A 16 -7.95 -0.47 11.59
C PRO A 16 -7.14 -1.55 10.90
N ARG A 17 -7.88 -2.56 10.42
CA ARG A 17 -7.27 -3.65 9.68
C ARG A 17 -6.34 -3.15 8.58
N ILE A 18 -6.78 -2.14 7.81
CA ILE A 18 -5.97 -1.69 6.67
C ILE A 18 -4.62 -1.15 7.13
N GLU A 19 -4.56 -0.55 8.32
CA GLU A 19 -3.28 -0.07 8.84
C GLU A 19 -2.42 -1.21 9.36
N ALA A 20 -3.04 -2.21 9.98
CA ALA A 20 -2.29 -3.38 10.40
C ALA A 20 -1.62 -4.04 9.20
N GLN A 21 -2.23 -3.96 8.02
CA GLN A 21 -1.65 -4.56 6.82
C GLN A 21 -0.26 -3.99 6.54
N GLU A 22 -0.10 -2.68 6.68
CA GLU A 22 1.18 -2.04 6.41
C GLU A 22 2.25 -2.42 7.41
N LEU A 23 1.85 -2.85 8.60
CA LEU A 23 2.80 -3.12 9.68
C LEU A 23 3.24 -4.57 9.73
N LEU A 24 2.54 -5.46 9.05
CA LEU A 24 2.78 -6.91 9.12
C LEU A 24 3.33 -7.34 7.77
N LYS A 25 4.61 -7.72 7.74
CA LYS A 25 5.33 -7.90 6.49
C LYS A 25 6.11 -9.19 6.39
N LYS A 26 6.49 -9.78 7.52
CA LYS A 26 7.40 -10.92 7.53
C LYS A 26 6.86 -12.01 8.43
N GLN A 27 7.24 -13.24 8.10
CA GLN A 27 6.76 -14.43 8.80
C GLN A 27 6.85 -14.24 10.31
N GLY A 28 5.72 -14.38 10.99
CA GLY A 28 5.68 -14.31 12.44
C GLY A 28 5.58 -12.93 13.05
N ASP A 29 5.52 -11.86 12.24
CA ASP A 29 5.19 -10.53 12.75
C ASP A 29 3.80 -10.56 13.37
N PHE A 30 3.62 -9.86 14.50
CA PHE A 30 2.30 -9.83 15.11
C PHE A 30 2.05 -8.54 15.87
N LEU A 31 0.77 -8.23 16.05
CA LEU A 31 0.34 -7.13 16.88
C LEU A 31 -1.06 -7.44 17.38
N VAL A 32 -1.51 -6.70 18.39
CA VAL A 32 -2.88 -6.80 18.90
C VAL A 32 -3.56 -5.45 18.73
N ARG A 33 -4.85 -5.49 18.37
CA ARG A 33 -5.63 -4.29 18.12
C ARG A 33 -7.08 -4.52 18.54
N GLU A 34 -7.82 -3.43 18.66
CA GLU A 34 -9.26 -3.47 18.95
C GLU A 34 -10.03 -3.61 17.65
N SER A 35 -10.93 -4.57 17.59
CA SER A 35 -11.68 -4.87 16.36
C SER A 35 -12.63 -3.73 16.00
N HIS A 36 -12.77 -3.49 14.70
CA HIS A 36 -13.86 -2.69 14.15
C HIS A 36 -15.04 -3.52 13.68
N GLY A 37 -14.78 -4.66 13.02
CA GLY A 37 -15.87 -5.47 12.52
C GLY A 37 -16.67 -6.14 13.62
N LYS A 38 -16.04 -6.40 14.76
CA LYS A 38 -16.68 -7.00 15.93
C LYS A 38 -16.37 -6.13 17.12
N PRO A 39 -17.09 -5.03 17.28
CA PRO A 39 -16.75 -4.05 18.33
C PRO A 39 -16.74 -4.69 19.71
N GLY A 40 -15.77 -4.26 20.52
CA GLY A 40 -15.56 -4.81 21.84
C GLY A 40 -14.64 -6.01 21.89
N GLU A 41 -14.35 -6.62 20.75
CA GLU A 41 -13.42 -7.75 20.70
C GLU A 41 -12.00 -7.26 20.42
N TYR A 42 -11.03 -8.07 20.82
CA TYR A 42 -9.63 -7.84 20.48
C TYR A 42 -9.18 -8.81 19.39
N VAL A 43 -8.18 -8.39 18.63
CA VAL A 43 -7.68 -9.13 17.47
C VAL A 43 -6.18 -9.32 17.60
N LEU A 44 -5.72 -10.54 17.38
CA LEU A 44 -4.30 -10.81 17.12
C LEU A 44 -4.13 -10.87 15.62
N SER A 45 -3.35 -9.94 15.06
CA SER A 45 -3.07 -9.90 13.62
C SER A 45 -1.65 -10.35 13.40
N VAL A 46 -1.44 -11.31 12.49
CA VAL A 46 -0.14 -11.92 12.25
CA VAL A 46 -0.14 -11.92 12.25
C VAL A 46 0.13 -11.98 10.76
N TYR A 47 1.40 -11.97 10.39
CA TYR A 47 1.81 -12.29 9.03
C TYR A 47 2.33 -13.73 9.03
N SER A 48 1.77 -14.56 8.16
CA SER A 48 2.21 -15.95 8.12
C SER A 48 1.96 -16.52 6.74
N ASP A 49 2.97 -17.18 6.18
CA ASP A 49 2.88 -17.83 4.87
C ASP A 49 2.33 -16.87 3.81
N GLY A 50 2.90 -15.66 3.78
CA GLY A 50 2.56 -14.69 2.75
C GLY A 50 1.21 -14.04 2.88
N GLN A 51 0.58 -14.13 4.06
CA GLN A 51 -0.76 -13.60 4.25
C GLN A 51 -0.88 -12.96 5.63
N ARG A 52 -1.75 -11.97 5.73
CA ARG A 52 -2.15 -11.44 7.03
C ARG A 52 -3.34 -12.24 7.54
N ARG A 53 -3.25 -12.71 8.77
CA ARG A 53 -4.31 -13.49 9.39
C ARG A 53 -4.74 -12.78 10.66
N HIS A 54 -6.05 -12.79 10.90
CA HIS A 54 -6.66 -12.01 11.98
C HIS A 54 -7.47 -12.94 12.85
N PHE A 55 -7.04 -13.12 14.10
CA PHE A 55 -7.69 -14.01 15.05
C PHE A 55 -8.41 -13.19 16.11
N ILE A 56 -9.69 -13.46 16.31
CA ILE A 56 -10.38 -12.90 17.46
C ILE A 56 -9.83 -13.56 18.72
N ILE A 57 -9.47 -12.74 19.71
CA ILE A 57 -9.08 -13.25 21.02
C ILE A 57 -10.38 -13.49 21.80
N GLN A 58 -10.78 -14.75 21.90
CA GLN A 58 -12.07 -15.07 22.51
C GLN A 58 -12.08 -14.70 23.98
N TYR A 59 -13.18 -14.12 24.44
CA TYR A 59 -13.36 -13.78 25.85
C TYR A 59 -14.62 -14.46 26.33
N VAL A 60 -14.46 -15.52 27.12
CA VAL A 60 -15.55 -16.39 27.55
C VAL A 60 -15.32 -16.74 29.01
N ASP A 61 -16.34 -16.58 29.83
CA ASP A 61 -16.27 -16.97 31.24
C ASP A 61 -15.06 -16.34 31.93
N ASN A 62 -14.84 -15.05 31.66
CA ASN A 62 -13.79 -14.23 32.27
C ASN A 62 -12.38 -14.63 31.83
N MET A 63 -12.24 -15.40 30.76
CA MET A 63 -10.95 -15.87 30.28
C MET A 63 -10.76 -15.49 28.82
N TYR A 64 -9.54 -15.09 28.49
CA TYR A 64 -9.12 -14.87 27.11
C TYR A 64 -8.39 -16.11 26.61
N ARG A 65 -8.70 -16.52 25.39
CA ARG A 65 -8.12 -17.74 24.86
C ARG A 65 -8.19 -17.73 23.34
N PHE A 66 -7.43 -18.64 22.75
CA PHE A 66 -7.64 -19.01 21.35
C PHE A 66 -8.33 -20.37 21.32
N GLU A 67 -7.56 -21.46 21.32
CA GLU A 67 -8.10 -22.82 21.29
C GLU A 67 -7.71 -23.64 22.51
N GLY A 68 -6.94 -23.08 23.44
CA GLY A 68 -6.45 -23.88 24.53
C GLY A 68 -6.65 -23.22 25.88
N THR A 69 -5.56 -23.10 26.63
CA THR A 69 -5.62 -22.53 27.97
C THR A 69 -6.20 -21.13 27.94
N GLY A 70 -7.04 -20.83 28.93
CA GLY A 70 -7.57 -19.50 29.14
C GLY A 70 -6.79 -18.76 30.21
N PHE A 71 -6.62 -17.45 30.01
CA PHE A 71 -5.96 -16.59 30.98
C PHE A 71 -6.85 -15.40 31.30
N SER A 72 -6.65 -14.81 32.48
CA SER A 72 -7.49 -13.69 32.87
C SER A 72 -7.24 -12.44 32.04
N ASN A 73 -6.11 -12.35 31.33
CA ASN A 73 -5.76 -11.11 30.66
C ASN A 73 -5.00 -11.42 29.37
N ILE A 74 -5.09 -10.50 28.42
CA ILE A 74 -4.48 -10.68 27.10
C ILE A 74 -2.96 -10.73 27.15
N PRO A 75 -2.27 -9.85 27.88
CA PRO A 75 -0.81 -9.94 27.90
C PRO A 75 -0.29 -11.30 28.33
N GLN A 76 -0.95 -11.96 29.29
CA GLN A 76 -0.48 -13.28 29.69
C GLN A 76 -0.67 -14.28 28.56
N LEU A 77 -1.77 -14.20 27.83
CA LEU A 77 -2.00 -15.12 26.71
C LEU A 77 -0.98 -14.90 25.60
N ILE A 78 -0.75 -13.65 25.21
CA ILE A 78 0.19 -13.35 24.14
C ILE A 78 1.61 -13.72 24.56
N ASP A 79 2.01 -13.35 25.78
CA ASP A 79 3.33 -13.70 26.28
C ASP A 79 3.53 -15.21 26.29
N HIS A 80 2.48 -15.96 26.67
CA HIS A 80 2.55 -17.41 26.64
C HIS A 80 2.91 -17.92 25.25
N HIS A 81 2.19 -17.44 24.23
CA HIS A 81 2.49 -17.89 22.87
C HIS A 81 3.84 -17.40 22.39
N TYR A 82 4.24 -16.19 22.77
CA TYR A 82 5.52 -15.66 22.30
C TYR A 82 6.68 -16.41 22.92
N THR A 83 6.57 -16.81 24.19
CA THR A 83 7.71 -17.49 24.82
C THR A 83 7.73 -18.97 24.51
N THR A 84 6.57 -19.63 24.48
CA THR A 84 6.56 -21.08 24.29
C THR A 84 6.53 -21.50 22.83
N LYS A 85 6.18 -20.57 21.93
CA LYS A 85 6.02 -20.87 20.51
C LYS A 85 4.89 -21.86 20.22
N GLN A 86 3.95 -22.03 21.15
CA GLN A 86 2.75 -22.81 20.86
C GLN A 86 1.96 -22.16 19.73
N VAL A 87 1.44 -22.97 18.83
CA VAL A 87 0.71 -22.43 17.69
C VAL A 87 -0.58 -21.75 18.17
N ILE A 88 -1.00 -20.71 17.44
CA ILE A 88 -2.21 -19.98 17.81
C ILE A 88 -3.42 -20.89 17.71
N THR A 89 -3.56 -21.60 16.59
CA THR A 89 -4.59 -22.61 16.39
C THR A 89 -3.95 -23.78 15.65
N LYS A 90 -4.54 -24.96 15.81
CA LYS A 90 -4.06 -26.14 15.10
C LYS A 90 -4.17 -25.94 13.59
N LYS A 91 -5.31 -25.43 13.12
CA LYS A 91 -5.53 -25.27 11.68
C LYS A 91 -4.52 -24.29 11.08
N SER A 92 -4.24 -23.18 11.77
CA SER A 92 -3.35 -22.17 11.21
C SER A 92 -1.88 -22.52 11.37
N GLY A 93 -1.51 -23.19 12.47
CA GLY A 93 -0.11 -23.44 12.75
C GLY A 93 0.75 -22.22 12.97
N VAL A 94 0.15 -21.07 13.28
CA VAL A 94 0.88 -19.81 13.33
C VAL A 94 1.70 -19.72 14.60
N VAL A 95 2.96 -19.30 14.45
CA VAL A 95 3.89 -19.12 15.56
C VAL A 95 4.29 -17.66 15.61
N LEU A 96 4.19 -17.06 16.80
CA LEU A 96 4.56 -15.66 16.98
C LEU A 96 6.08 -15.52 17.08
N LEU A 97 6.65 -14.62 16.26
CA LEU A 97 8.09 -14.41 16.23
C LEU A 97 8.53 -12.97 16.48
N ASN A 98 7.86 -11.99 15.90
CA ASN A 98 8.37 -10.62 15.91
C ASN A 98 7.26 -9.68 16.37
N PRO A 99 7.30 -9.17 17.61
CA PRO A 99 6.30 -8.19 18.03
C PRO A 99 6.54 -6.88 17.30
N ILE A 100 5.52 -6.39 16.60
CA ILE A 100 5.63 -5.16 15.83
C ILE A 100 5.35 -4.00 16.78
N PRO A 101 6.30 -3.10 16.98
CA PRO A 101 6.12 -2.04 17.99
C PRO A 101 5.12 -0.99 17.54
N LYS A 102 4.38 -0.47 18.52
CA LYS A 102 3.40 0.58 18.27
C LYS A 102 4.07 1.91 17.94
N ASP B 1 -15.40 -8.37 7.12
CA ASP B 1 -14.12 -8.98 6.79
C ASP B 1 -13.92 -10.26 7.58
N GLU B 2 -13.12 -11.17 7.03
CA GLU B 2 -13.00 -12.48 7.64
C GLU B 2 -11.99 -12.52 8.78
N PTR B 3 -12.40 -13.19 9.86
CA PTR B 3 -11.51 -13.52 10.95
C PTR B 3 -11.29 -15.03 10.89
O PTR B 3 -12.22 -15.77 10.51
CB PTR B 3 -12.12 -13.06 12.26
CG PTR B 3 -12.07 -11.57 12.50
CD1 PTR B 3 -10.88 -10.94 12.84
CD2 PTR B 3 -13.21 -10.79 12.39
CE1 PTR B 3 -10.82 -9.58 13.06
CE2 PTR B 3 -13.17 -9.42 12.61
CZ PTR B 3 -11.97 -8.81 12.94
OH PTR B 3 -11.94 -7.51 13.17
P PTR B 3 -11.63 -6.39 12.04
O1P PTR B 3 -10.44 -6.84 11.30
O2P PTR B 3 -11.37 -5.08 12.79
O3P PTR B 3 -12.90 -6.32 11.18
N GLU B 4 -10.10 -15.49 11.25
CA GLU B 4 -9.72 -16.89 11.08
C GLU B 4 -10.57 -17.83 11.89
N ASN B 5 -10.93 -17.40 13.10
CA ASN B 5 -11.54 -18.27 14.10
C ASN B 5 -12.93 -17.82 14.51
N VAL B 6 -13.48 -16.81 13.85
CA VAL B 6 -14.84 -16.35 14.14
C VAL B 6 -15.61 -16.08 12.86
N LYS C 3 -0.01 8.03 5.42
CA LYS C 3 0.16 8.13 6.86
C LYS C 3 -1.05 7.58 7.61
N PRO C 4 -0.81 6.93 8.74
CA PRO C 4 -1.92 6.38 9.53
C PRO C 4 -2.86 7.47 10.02
N LEU C 5 -4.07 7.04 10.38
CA LEU C 5 -5.07 7.97 10.90
C LEU C 5 -4.55 8.75 12.10
N ALA C 6 -3.84 8.08 13.01
CA ALA C 6 -3.35 8.73 14.22
C ALA C 6 -2.44 9.91 13.94
N GLU C 7 -1.85 9.97 12.75
CA GLU C 7 -0.95 11.05 12.37
C GLU C 7 -1.63 12.14 11.55
N GLN C 8 -2.92 12.00 11.25
CA GLN C 8 -3.66 13.01 10.51
C GLN C 8 -4.15 14.08 11.48
N ASP C 9 -3.93 15.35 11.13
CA ASP C 9 -4.30 16.45 12.02
C ASP C 9 -5.79 16.42 12.34
N TRP C 10 -6.61 16.03 11.37
CA TRP C 10 -8.07 16.07 11.52
C TRP C 10 -8.66 14.84 12.19
N TYR C 11 -7.85 13.86 12.59
CA TYR C 11 -8.37 12.66 13.24
C TYR C 11 -8.31 12.82 14.75
N HIS C 12 -9.45 12.66 15.41
CA HIS C 12 -9.57 12.93 16.85
C HIS C 12 -9.85 11.68 17.67
N GLY C 13 -9.72 10.49 17.10
CA GLY C 13 -9.90 9.29 17.90
C GLY C 13 -11.32 9.16 18.42
N ALA C 14 -11.44 8.74 19.67
CA ALA C 14 -12.74 8.37 20.25
C ALA C 14 -13.44 9.52 20.96
N ILE C 15 -13.18 10.76 20.58
CA ILE C 15 -13.92 11.84 21.26
C ILE C 15 -15.41 11.69 21.00
N PRO C 16 -16.26 11.96 21.98
CA PRO C 16 -17.70 11.83 21.77
C PRO C 16 -18.24 13.00 20.97
N ARG C 17 -19.45 12.79 20.44
CA ARG C 17 -20.14 13.83 19.69
C ARG C 17 -20.13 15.18 20.43
N ILE C 18 -20.42 15.18 21.73
CA ILE C 18 -20.50 16.44 22.47
C ILE C 18 -19.19 17.22 22.40
N GLU C 19 -18.06 16.52 22.38
CA GLU C 19 -16.77 17.21 22.27
C GLU C 19 -16.49 17.66 20.85
N ALA C 20 -16.90 16.86 19.87
CA ALA C 20 -16.72 17.27 18.48
C ALA C 20 -17.48 18.55 18.18
N GLN C 21 -18.68 18.69 18.76
CA GLN C 21 -19.51 19.87 18.50
C GLN C 21 -18.82 21.14 18.99
N GLU C 22 -18.05 21.05 20.08
CA GLU C 22 -17.32 22.20 20.59
C GLU C 22 -16.19 22.62 19.64
N LEU C 23 -15.59 21.66 18.94
CA LEU C 23 -14.43 21.92 18.09
C LEU C 23 -14.78 22.45 16.72
N LEU C 24 -16.03 22.29 16.29
CA LEU C 24 -16.45 22.70 14.96
C LEU C 24 -17.24 24.00 15.08
N LYS C 25 -16.72 25.07 14.47
CA LYS C 25 -17.23 26.42 14.73
C LYS C 25 -17.59 27.24 13.51
N LYS C 26 -17.00 26.97 12.34
CA LYS C 26 -17.27 27.78 11.16
C LYS C 26 -17.40 26.89 9.92
N GLN C 27 -18.00 27.48 8.88
CA GLN C 27 -18.34 26.78 7.65
C GLN C 27 -17.16 25.97 7.13
N GLY C 28 -17.37 24.66 6.98
CA GLY C 28 -16.37 23.79 6.39
C GLY C 28 -15.37 23.19 7.35
N ASP C 29 -15.44 23.53 8.64
CA ASP C 29 -14.62 22.86 9.66
C ASP C 29 -14.97 21.38 9.69
N PHE C 30 -13.96 20.53 9.81
CA PHE C 30 -14.25 19.10 9.86
C PHE C 30 -13.22 18.36 10.70
N LEU C 31 -13.64 17.18 11.17
CA LEU C 31 -12.77 16.23 11.85
C LEU C 31 -13.36 14.84 11.64
N VAL C 32 -12.55 13.82 11.92
CA VAL C 32 -13.00 12.44 11.90
C VAL C 32 -12.83 11.84 13.29
N ARG C 33 -13.79 11.02 13.70
CA ARG C 33 -13.76 10.40 15.02
C ARG C 33 -14.37 9.01 14.93
N GLU C 34 -14.18 8.23 16.00
CA GLU C 34 -14.78 6.89 16.11
C GLU C 34 -16.16 7.03 16.72
N SER C 35 -17.15 6.40 16.10
CA SER C 35 -18.53 6.54 16.52
C SER C 35 -18.81 5.82 17.85
N HIS C 36 -19.69 6.42 18.65
CA HIS C 36 -20.28 5.75 19.81
C HIS C 36 -21.66 5.17 19.50
N GLY C 37 -22.48 5.91 18.76
CA GLY C 37 -23.80 5.40 18.40
C GLY C 37 -23.74 4.19 17.50
N LYS C 38 -22.70 4.08 16.66
CA LYS C 38 -22.52 2.98 15.73
C LYS C 38 -21.11 2.45 15.94
N PRO C 39 -20.91 1.63 16.96
CA PRO C 39 -19.56 1.18 17.31
C PRO C 39 -18.87 0.49 16.15
N GLY C 40 -17.58 0.78 16.01
CA GLY C 40 -16.79 0.23 14.93
C GLY C 40 -16.80 1.05 13.66
N GLU C 41 -17.70 2.02 13.55
CA GLU C 41 -17.78 2.89 12.39
C GLU C 41 -17.04 4.20 12.69
N TYR C 42 -16.60 4.84 11.62
CA TYR C 42 -15.99 6.16 11.71
C TYR C 42 -16.99 7.23 11.27
N VAL C 43 -16.80 8.43 11.80
CA VAL C 43 -17.70 9.56 11.57
C VAL C 43 -16.90 10.74 11.02
N LEU C 44 -17.40 11.35 9.95
CA LEU C 44 -16.94 12.66 9.52
C LEU C 44 -17.90 13.70 10.08
N SER C 45 -17.40 14.55 10.95
CA SER C 45 -18.19 15.62 11.58
C SER C 45 -17.79 16.96 10.97
N VAL C 46 -18.79 17.73 10.53
CA VAL C 46 -18.56 18.96 9.79
CA VAL C 46 -18.56 18.96 9.78
C VAL C 46 -19.48 20.05 10.31
N TYR C 47 -19.00 21.29 10.29
CA TYR C 47 -19.84 22.45 10.53
C TYR C 47 -20.25 22.98 9.17
N SER C 48 -21.55 23.01 8.90
CA SER C 48 -22.03 23.46 7.60
C SER C 48 -23.42 24.07 7.79
N ASP C 49 -23.63 25.25 7.19
CA ASP C 49 -24.92 25.94 7.24
C ASP C 49 -25.40 26.13 8.68
N GLY C 50 -24.48 26.55 9.54
CA GLY C 50 -24.81 26.89 10.91
C GLY C 50 -25.09 25.73 11.83
N GLN C 51 -24.82 24.50 11.41
CA GLN C 51 -25.09 23.33 12.23
C GLN C 51 -23.93 22.35 12.11
N ARG C 52 -23.80 21.51 13.14
CA ARG C 52 -22.87 20.39 13.10
C ARG C 52 -23.58 19.20 12.47
N ARG C 53 -22.94 18.58 11.48
CA ARG C 53 -23.53 17.47 10.77
C ARG C 53 -22.56 16.29 10.77
N HIS C 54 -23.10 15.09 10.95
CA HIS C 54 -22.29 13.90 11.21
C HIS C 54 -22.62 12.84 10.18
N PHE C 55 -21.61 12.38 9.46
CA PHE C 55 -21.77 11.38 8.42
C PHE C 55 -21.01 10.12 8.79
N ILE C 56 -21.70 8.97 8.75
CA ILE C 56 -20.99 7.70 8.86
C ILE C 56 -20.19 7.45 7.59
N ILE C 57 -18.93 7.11 7.76
CA ILE C 57 -18.08 6.68 6.65
C ILE C 57 -18.41 5.21 6.39
N GLN C 58 -19.00 4.93 5.25
CA GLN C 58 -19.39 3.56 4.93
C GLN C 58 -18.15 2.72 4.64
N TYR C 59 -18.21 1.45 5.02
CA TYR C 59 -17.15 0.50 4.77
C TYR C 59 -17.78 -0.76 4.16
N VAL C 60 -17.54 -0.96 2.86
CA VAL C 60 -18.20 -1.99 2.07
C VAL C 60 -17.15 -2.63 1.18
N ASP C 61 -17.04 -3.96 1.23
CA ASP C 61 -16.11 -4.71 0.38
C ASP C 61 -14.71 -4.10 0.39
N ASN C 62 -14.21 -3.84 1.59
CA ASN C 62 -12.86 -3.36 1.85
C ASN C 62 -12.62 -1.92 1.42
N MET C 63 -13.68 -1.17 1.12
CA MET C 63 -13.56 0.20 0.65
C MET C 63 -14.35 1.14 1.56
N TYR C 64 -13.74 2.27 1.89
CA TYR C 64 -14.43 3.35 2.59
C TYR C 64 -15.00 4.33 1.58
N ARG C 65 -16.21 4.82 1.84
CA ARG C 65 -16.87 5.70 0.87
C ARG C 65 -18.01 6.43 1.54
N PHE C 66 -18.50 7.45 0.85
CA PHE C 66 -19.82 8.01 1.09
C PHE C 66 -20.74 7.50 -0.03
N GLU C 67 -21.06 8.35 -1.01
CA GLU C 67 -22.00 7.97 -2.08
C GLU C 67 -21.32 7.78 -3.43
N GLY C 68 -20.00 7.78 -3.47
CA GLY C 68 -19.32 7.68 -4.74
C GLY C 68 -18.35 6.52 -4.77
N THR C 69 -17.16 6.79 -5.30
CA THR C 69 -16.13 5.79 -5.45
C THR C 69 -15.56 5.40 -4.07
N GLY C 70 -14.94 4.22 -4.02
CA GLY C 70 -14.40 3.71 -2.77
C GLY C 70 -12.89 3.90 -2.65
N PHE C 71 -12.42 3.92 -1.41
CA PHE C 71 -11.01 4.16 -1.11
C PHE C 71 -10.52 3.11 -0.13
N SER C 72 -9.28 2.67 -0.27
CA SER C 72 -8.75 1.65 0.64
CA SER C 72 -8.75 1.65 0.64
C SER C 72 -8.58 2.18 2.05
N ASN C 73 -8.44 3.49 2.23
CA ASN C 73 -8.25 4.04 3.56
C ASN C 73 -8.95 5.38 3.67
N ILE C 74 -9.25 5.75 4.91
CA ILE C 74 -9.97 6.98 5.19
C ILE C 74 -9.19 8.24 4.80
N PRO C 75 -7.88 8.34 5.06
CA PRO C 75 -7.17 9.55 4.64
C PRO C 75 -7.33 9.88 3.15
N GLN C 76 -7.35 8.85 2.29
CA GLN C 76 -7.53 9.12 0.86
C GLN C 76 -8.95 9.58 0.54
N LEU C 77 -9.95 9.03 1.22
CA LEU C 77 -11.33 9.51 1.03
C LEU C 77 -11.45 10.97 1.44
N ILE C 78 -10.91 11.32 2.62
CA ILE C 78 -10.99 12.69 3.09
C ILE C 78 -10.23 13.62 2.16
N ASP C 79 -9.03 13.20 1.72
CA ASP C 79 -8.24 14.08 0.87
C ASP C 79 -8.87 14.29 -0.50
N HIS C 80 -9.59 13.28 -1.01
CA HIS C 80 -10.33 13.49 -2.25
C HIS C 80 -11.34 14.62 -2.08
N HIS C 81 -12.12 14.59 -1.00
CA HIS C 81 -13.12 15.62 -0.81
C HIS C 81 -12.47 16.97 -0.49
N TYR C 82 -11.37 16.97 0.24
CA TYR C 82 -10.69 18.22 0.57
C TYR C 82 -10.06 18.84 -0.67
N THR C 83 -9.50 18.02 -1.55
CA THR C 83 -8.79 18.54 -2.72
C THR C 83 -9.74 18.96 -3.83
N THR C 84 -10.78 18.17 -4.11
CA THR C 84 -11.67 18.44 -5.23
C THR C 84 -12.89 19.28 -4.84
N LYS C 85 -13.19 19.40 -3.55
CA LYS C 85 -14.39 20.07 -3.06
C LYS C 85 -15.67 19.39 -3.52
N GLN C 86 -15.60 18.13 -3.94
CA GLN C 86 -16.83 17.40 -4.23
C GLN C 86 -17.63 17.21 -2.95
N VAL C 87 -18.95 17.32 -3.06
CA VAL C 87 -19.81 17.28 -1.89
C VAL C 87 -19.76 15.90 -1.25
N ILE C 88 -19.93 15.88 0.08
CA ILE C 88 -19.96 14.62 0.82
C ILE C 88 -21.12 13.75 0.35
N THR C 89 -22.30 14.34 0.25
CA THR C 89 -23.46 13.70 -0.38
C THR C 89 -24.18 14.76 -1.20
N LYS C 90 -24.93 14.30 -2.20
CA LYS C 90 -25.74 15.21 -3.01
C LYS C 90 -26.75 15.96 -2.16
N LYS C 91 -27.46 15.24 -1.28
CA LYS C 91 -28.51 15.86 -0.48
C LYS C 91 -27.94 16.91 0.45
N SER C 92 -26.80 16.62 1.09
CA SER C 92 -26.27 17.56 2.09
C SER C 92 -25.54 18.73 1.44
N GLY C 93 -24.88 18.51 0.31
CA GLY C 93 -24.07 19.56 -0.30
C GLY C 93 -22.86 19.98 0.51
N VAL C 94 -22.44 19.19 1.50
CA VAL C 94 -21.41 19.62 2.42
C VAL C 94 -20.04 19.56 1.76
N VAL C 95 -19.23 20.60 1.99
CA VAL C 95 -17.90 20.75 1.41
C VAL C 95 -16.88 20.89 2.54
N LEU C 96 -15.77 20.16 2.43
CA LEU C 96 -14.72 20.23 3.44
C LEU C 96 -13.79 21.39 3.14
N LEU C 97 -13.56 22.26 4.13
CA LEU C 97 -12.71 23.43 3.95
C LEU C 97 -11.55 23.51 4.93
N ASN C 98 -11.77 23.22 6.21
CA ASN C 98 -10.78 23.47 7.25
C ASN C 98 -10.63 22.25 8.16
N PRO C 99 -9.52 21.52 8.08
CA PRO C 99 -9.31 20.42 9.03
C PRO C 99 -9.03 20.97 10.42
N ILE C 100 -9.79 20.51 11.41
CA ILE C 100 -9.66 20.98 12.78
C ILE C 100 -8.62 20.11 13.49
N PRO C 101 -7.51 20.67 13.96
CA PRO C 101 -6.47 19.86 14.60
C PRO C 101 -6.87 19.46 16.01
N LYS C 102 -6.14 18.48 16.53
CA LYS C 102 -6.40 17.96 17.86
C LYS C 102 -6.12 18.99 18.95
N ASP D 1 -28.60 9.86 18.64
CA ASP D 1 -28.08 11.01 17.93
C ASP D 1 -28.18 10.81 16.41
N GLU D 2 -28.44 11.90 15.69
CA GLU D 2 -28.70 11.82 14.25
C GLU D 2 -27.45 11.80 13.38
N PTR D 3 -27.42 10.85 12.46
CA PTR D 3 -26.39 10.80 11.42
C PTR D 3 -27.05 11.09 10.08
O PTR D 3 -28.15 10.59 9.81
CB PTR D 3 -25.71 9.44 11.43
CG PTR D 3 -24.77 9.20 12.60
CD1 PTR D 3 -23.54 9.83 12.69
CD2 PTR D 3 -25.10 8.31 13.63
CE1 PTR D 3 -22.67 9.61 13.73
CE2 PTR D 3 -24.24 8.07 14.69
CZ PTR D 3 -23.02 8.73 14.75
OH PTR D 3 -22.19 8.50 15.73
P PTR D 3 -22.29 9.24 17.17
O1P PTR D 3 -23.52 8.69 17.91
O2P PTR D 3 -21.00 8.86 17.92
O3P PTR D 3 -22.39 10.70 16.93
N GLU D 4 -26.39 11.88 9.24
CA GLU D 4 -26.90 12.28 7.93
C GLU D 4 -27.07 11.07 7.02
N ASN D 5 -28.10 11.08 6.17
CA ASN D 5 -28.31 9.96 5.27
C ASN D 5 -27.21 9.88 4.22
N VAL D 6 -26.64 8.69 4.07
CA VAL D 6 -25.68 8.39 3.01
C VAL D 6 -26.30 7.29 2.15
N ASP D 7 -26.69 7.64 0.93
CA ASP D 7 -27.31 6.69 0.02
C ASP D 7 -26.38 5.53 -0.30
N SER E 2 -15.92 22.24 31.32
CA SER E 2 -15.13 21.05 31.61
C SER E 2 -14.06 20.80 30.56
N LYS E 3 -12.89 20.35 31.01
CA LYS E 3 -11.88 19.86 30.09
C LYS E 3 -12.42 18.64 29.36
N PRO E 4 -11.87 18.32 28.19
CA PRO E 4 -12.28 17.09 27.49
C PRO E 4 -12.06 15.85 28.36
N LEU E 5 -12.82 14.81 28.03
CA LEU E 5 -12.73 13.55 28.77
C LEU E 5 -11.30 13.04 28.84
N ALA E 6 -10.57 13.11 27.73
CA ALA E 6 -9.23 12.57 27.65
C ALA E 6 -8.25 13.25 28.58
N GLU E 7 -8.61 14.39 29.17
CA GLU E 7 -7.74 15.11 30.10
C GLU E 7 -8.13 14.89 31.55
N GLN E 8 -9.20 14.17 31.82
CA GLN E 8 -9.63 13.92 33.20
C GLN E 8 -8.78 12.82 33.81
N ASP E 9 -8.31 13.05 35.04
CA ASP E 9 -7.42 12.09 35.67
C ASP E 9 -8.06 10.71 35.79
N TRP E 10 -9.37 10.65 35.98
CA TRP E 10 -10.07 9.39 36.20
C TRP E 10 -10.52 8.71 34.93
N TYR E 11 -10.23 9.27 33.75
CA TYR E 11 -10.66 8.65 32.50
C TYR E 11 -9.53 7.78 31.94
N HIS E 12 -9.83 6.49 31.77
CA HIS E 12 -8.82 5.52 31.34
C HIS E 12 -9.05 4.99 29.94
N GLY E 13 -9.94 5.59 29.16
CA GLY E 13 -10.10 5.14 27.79
C GLY E 13 -10.60 3.72 27.72
N ALA E 14 -10.04 2.94 26.79
CA ALA E 14 -10.58 1.62 26.47
C ALA E 14 -9.97 0.50 27.29
N ILE E 15 -9.51 0.77 28.51
CA ILE E 15 -8.97 -0.35 29.29
C ILE E 15 -10.07 -1.39 29.53
N PRO E 16 -9.77 -2.68 29.49
CA PRO E 16 -10.80 -3.69 29.72
C PRO E 16 -11.11 -3.83 31.20
N ARG E 17 -12.25 -4.49 31.45
CA ARG E 17 -12.71 -4.72 32.82
C ARG E 17 -11.61 -5.28 33.71
N ILE E 18 -10.83 -6.25 33.20
CA ILE E 18 -9.84 -6.91 34.06
C ILE E 18 -8.78 -5.93 34.53
N GLU E 19 -8.42 -4.96 33.69
CA GLU E 19 -7.46 -3.94 34.09
C GLU E 19 -8.07 -2.97 35.10
N ALA E 20 -9.35 -2.62 34.92
CA ALA E 20 -10.01 -1.80 35.93
C ALA E 20 -10.05 -2.51 37.26
N GLN E 21 -10.27 -3.83 37.24
CA GLN E 21 -10.32 -4.61 38.47
C GLN E 21 -9.04 -4.45 39.28
N GLU E 22 -7.89 -4.48 38.62
CA GLU E 22 -6.65 -4.40 39.37
C GLU E 22 -6.33 -2.99 39.81
N LEU E 23 -6.94 -1.97 39.22
CA LEU E 23 -6.74 -0.60 39.67
C LEU E 23 -7.66 -0.19 40.82
N LEU E 24 -8.75 -0.92 41.04
CA LEU E 24 -9.75 -0.55 42.04
C LEU E 24 -9.56 -1.44 43.26
N LYS E 25 -9.17 -0.85 44.39
CA LYS E 25 -8.68 -1.63 45.53
C LYS E 25 -9.27 -1.21 46.87
N LYS E 26 -9.66 0.07 47.02
CA LYS E 26 -10.12 0.61 48.29
C LYS E 26 -11.50 1.23 48.13
N GLN E 27 -12.20 1.33 49.26
CA GLN E 27 -13.53 1.93 49.30
C GLN E 27 -13.53 3.29 48.60
N GLY E 28 -14.39 3.42 47.59
CA GLY E 28 -14.56 4.69 46.90
C GLY E 28 -13.63 4.93 45.73
N ASP E 29 -12.72 4.00 45.43
CA ASP E 29 -11.89 4.11 44.23
C ASP E 29 -12.78 4.09 42.99
N PHE E 30 -12.47 4.95 42.01
CA PHE E 30 -13.27 4.94 40.80
C PHE E 30 -12.48 5.38 39.56
N LEU E 31 -12.99 4.96 38.41
CA LEU E 31 -12.48 5.38 37.11
C LEU E 31 -13.60 5.28 36.08
N VAL E 32 -13.42 5.93 34.94
CA VAL E 32 -14.33 5.82 33.81
C VAL E 32 -13.58 5.20 32.63
N ARG E 33 -14.27 4.32 31.90
CA ARG E 33 -13.67 3.61 30.77
C ARG E 33 -14.72 3.39 29.69
N GLU E 34 -14.26 3.01 28.50
CA GLU E 34 -15.14 2.68 27.38
C GLU E 34 -15.44 1.19 27.42
N SER E 35 -16.73 0.84 27.41
CA SER E 35 -17.15 -0.54 27.59
C SER E 35 -16.73 -1.43 26.42
N HIS E 36 -16.40 -2.68 26.74
CA HIS E 36 -16.26 -3.74 25.75
C HIS E 36 -17.50 -4.61 25.64
N GLY E 37 -18.15 -4.92 26.77
CA GLY E 37 -19.36 -5.73 26.72
C GLY E 37 -20.52 -5.02 26.07
N LYS E 38 -20.56 -3.70 26.17
CA LYS E 38 -21.60 -2.87 25.55
C LYS E 38 -20.91 -1.78 24.74
N PRO E 39 -20.44 -2.10 23.54
CA PRO E 39 -19.63 -1.14 22.76
C PRO E 39 -20.36 0.18 22.54
N GLY E 40 -19.60 1.26 22.67
CA GLY E 40 -20.12 2.59 22.52
C GLY E 40 -20.63 3.21 23.81
N GLU E 41 -20.79 2.42 24.87
CA GLU E 41 -21.21 2.93 26.16
C GLU E 41 -19.99 3.22 27.02
N TYR E 42 -20.14 4.17 27.94
CA TYR E 42 -19.13 4.45 28.94
C TYR E 42 -19.51 3.77 30.25
N VAL E 43 -18.50 3.45 31.05
CA VAL E 43 -18.65 2.72 32.30
C VAL E 43 -18.00 3.51 33.42
N LEU E 44 -18.71 3.64 34.54
CA LEU E 44 -18.12 4.07 35.79
C LEU E 44 -17.85 2.83 36.63
N SER E 45 -16.58 2.55 36.91
CA SER E 45 -16.17 1.38 37.69
C SER E 45 -15.71 1.87 39.05
N VAL E 46 -16.27 1.28 40.11
CA VAL E 46 -16.02 1.73 41.48
C VAL E 46 -15.78 0.52 42.38
N TYR E 47 -14.85 0.66 43.32
CA TYR E 47 -14.71 -0.31 44.42
C TYR E 47 -15.58 0.19 45.57
N SER E 48 -16.53 -0.63 46.00
CA SER E 48 -17.45 -0.20 47.04
C SER E 48 -17.89 -1.41 47.85
N ASP E 49 -17.73 -1.31 49.17
CA ASP E 49 -18.17 -2.34 50.11
C ASP E 49 -17.70 -3.73 49.68
N GLY E 50 -16.41 -3.82 49.37
CA GLY E 50 -15.74 -5.08 49.15
C GLY E 50 -15.85 -5.65 47.76
N GLN E 51 -16.51 -4.98 46.82
CA GLN E 51 -16.68 -5.50 45.48
C GLN E 51 -16.47 -4.40 44.45
N ARG E 52 -16.03 -4.80 43.26
CA ARG E 52 -15.95 -3.88 42.14
C ARG E 52 -17.29 -3.82 41.43
N ARG E 53 -17.79 -2.61 41.21
CA ARG E 53 -19.10 -2.40 40.64
C ARG E 53 -19.00 -1.53 39.40
N HIS E 54 -19.71 -1.92 38.35
CA HIS E 54 -19.57 -1.34 37.03
C HIS E 54 -20.92 -0.80 36.59
N PHE E 55 -21.01 0.51 36.43
CA PHE E 55 -22.26 1.19 36.05
C PHE E 55 -22.15 1.69 34.63
N ILE E 56 -23.12 1.33 33.78
CA ILE E 56 -23.23 1.96 32.48
C ILE E 56 -23.72 3.39 32.68
N ILE E 57 -23.04 4.34 32.04
CA ILE E 57 -23.47 5.73 32.05
C ILE E 57 -24.50 5.87 30.92
N GLN E 58 -25.76 6.06 31.30
CA GLN E 58 -26.81 6.13 30.29
C GLN E 58 -26.67 7.41 29.48
N TYR E 59 -26.87 7.29 28.17
CA TYR E 59 -26.89 8.44 27.27
C TYR E 59 -28.23 8.46 26.57
N VAL E 60 -29.08 9.41 26.96
CA VAL E 60 -30.44 9.52 26.44
C VAL E 60 -30.78 11.00 26.34
N ASP E 61 -31.48 11.37 25.25
CA ASP E 61 -31.93 12.75 25.04
C ASP E 61 -30.78 13.75 25.11
N ASN E 62 -29.63 13.35 24.57
CA ASN E 62 -28.41 14.17 24.57
C ASN E 62 -27.86 14.44 25.96
N MET E 63 -28.20 13.60 26.93
CA MET E 63 -27.74 13.79 28.31
C MET E 63 -27.16 12.49 28.84
N TYR E 64 -26.14 12.62 29.68
CA TYR E 64 -25.56 11.51 30.41
C TYR E 64 -26.13 11.51 31.82
N ARG E 65 -26.48 10.32 32.31
CA ARG E 65 -27.14 10.23 33.61
C ARG E 65 -27.02 8.81 34.14
N PHE E 66 -27.33 8.67 35.44
CA PHE E 66 -27.56 7.37 36.04
C PHE E 66 -29.05 7.28 36.32
N GLU E 67 -29.51 7.67 37.51
CA GLU E 67 -30.92 7.57 37.88
C GLU E 67 -31.60 8.91 38.06
N GLY E 68 -30.88 10.02 37.91
CA GLY E 68 -31.48 11.30 38.22
C GLY E 68 -31.28 12.34 37.14
N THR E 69 -30.66 13.45 37.55
CA THR E 69 -30.44 14.58 36.66
C THR E 69 -29.55 14.19 35.48
N GLY E 70 -29.85 14.78 34.31
CA GLY E 70 -29.00 14.61 33.14
C GLY E 70 -27.97 15.72 33.01
N PHE E 71 -26.84 15.38 32.39
CA PHE E 71 -25.72 16.31 32.22
C PHE E 71 -25.26 16.30 30.78
N SER E 72 -24.76 17.45 30.32
CA SER E 72 -24.33 17.58 28.93
CA SER E 72 -24.34 17.57 28.92
C SER E 72 -23.12 16.71 28.62
N ASN E 73 -22.27 16.45 29.60
CA ASN E 73 -21.08 15.66 29.35
C ASN E 73 -20.74 14.85 30.59
N ILE E 74 -19.88 13.85 30.40
CA ILE E 74 -19.53 12.92 31.47
C ILE E 74 -18.75 13.60 32.60
N PRO E 75 -17.77 14.47 32.32
CA PRO E 75 -17.10 15.17 33.44
C PRO E 75 -18.04 15.89 34.38
N GLN E 76 -19.12 16.50 33.86
CA GLN E 76 -20.09 17.15 34.75
C GLN E 76 -20.80 16.14 35.65
N LEU E 77 -21.21 15.00 35.09
CA LEU E 77 -21.87 13.97 35.88
C LEU E 77 -20.94 13.43 36.97
N ILE E 78 -19.70 13.12 36.61
CA ILE E 78 -18.76 12.55 37.58
C ILE E 78 -18.45 13.57 38.67
N ASP E 79 -18.19 14.82 38.29
CA ASP E 79 -17.88 15.85 39.27
C ASP E 79 -19.05 16.08 40.21
N HIS E 80 -20.28 16.05 39.68
CA HIS E 80 -21.45 16.18 40.54
C HIS E 80 -21.41 15.14 41.66
N HIS E 81 -21.13 13.88 41.31
CA HIS E 81 -21.10 12.83 42.32
C HIS E 81 -19.87 12.94 43.20
N TYR E 82 -18.74 13.36 42.63
CA TYR E 82 -17.51 13.47 43.42
C TYR E 82 -17.60 14.60 44.44
N THR E 83 -18.20 15.72 44.06
CA THR E 83 -18.26 16.87 44.97
C THR E 83 -19.36 16.71 46.01
N THR E 84 -20.55 16.28 45.60
CA THR E 84 -21.69 16.23 46.52
C THR E 84 -21.75 14.94 47.34
N LYS E 85 -21.02 13.90 46.92
CA LYS E 85 -21.06 12.57 47.53
C LYS E 85 -22.43 11.90 47.41
N GLN E 86 -23.30 12.38 46.53
CA GLN E 86 -24.57 11.72 46.30
C GLN E 86 -24.34 10.35 45.66
N VAL E 87 -25.16 9.38 46.07
CA VAL E 87 -24.95 8.01 45.63
C VAL E 87 -25.18 7.87 44.14
N ILE E 88 -24.48 6.91 43.54
CA ILE E 88 -24.61 6.67 42.10
C ILE E 88 -26.02 6.17 41.77
N THR E 89 -26.49 5.17 42.52
CA THR E 89 -27.88 4.72 42.46
C THR E 89 -28.35 4.48 43.88
N LYS E 90 -29.68 4.47 44.06
CA LYS E 90 -30.25 4.22 45.38
C LYS E 90 -29.93 2.81 45.85
N LYS E 91 -30.11 1.81 44.98
CA LYS E 91 -29.88 0.43 45.37
C LYS E 91 -28.42 0.18 45.75
N SER E 92 -27.48 0.73 44.98
CA SER E 92 -26.07 0.47 45.25
C SER E 92 -25.54 1.29 46.41
N GLY E 93 -26.02 2.52 46.59
CA GLY E 93 -25.47 3.40 47.61
C GLY E 93 -24.01 3.74 47.43
N VAL E 94 -23.49 3.65 46.19
CA VAL E 94 -22.06 3.83 45.95
C VAL E 94 -21.71 5.31 45.99
N VAL E 95 -20.60 5.64 46.67
CA VAL E 95 -20.11 7.00 46.77
C VAL E 95 -18.68 7.06 46.24
N LEU E 96 -18.40 8.09 45.43
CA LEU E 96 -17.08 8.28 44.81
C LEU E 96 -16.15 9.01 45.77
N LEU E 97 -14.97 8.43 46.02
CA LEU E 97 -14.01 8.99 46.96
C LEU E 97 -12.65 9.23 46.34
N ASN E 98 -12.09 8.27 45.61
CA ASN E 98 -10.70 8.31 45.15
C ASN E 98 -10.63 8.11 43.63
N PRO E 99 -10.39 9.16 42.86
CA PRO E 99 -10.18 8.99 41.42
C PRO E 99 -8.85 8.31 41.15
N ILE E 100 -8.89 7.18 40.45
CA ILE E 100 -7.67 6.44 40.10
C ILE E 100 -7.01 7.11 38.90
N PRO E 101 -5.76 7.56 39.03
CA PRO E 101 -5.12 8.30 37.93
C PRO E 101 -4.82 7.40 36.76
N LYS E 102 -4.89 7.98 35.57
CA LYS E 102 -4.65 7.25 34.32
C LYS E 102 -3.16 6.97 34.15
N ASP F 1 -20.37 -10.08 30.84
CA ASP F 1 -20.19 -9.77 32.26
C ASP F 1 -21.31 -8.86 32.76
N GLU F 2 -21.45 -8.76 34.08
CA GLU F 2 -22.57 -8.04 34.69
C GLU F 2 -22.29 -6.57 34.96
N PTR F 3 -23.26 -5.73 34.63
CA PTR F 3 -23.24 -4.33 35.01
C PTR F 3 -24.34 -4.10 36.06
O PTR F 3 -25.40 -4.72 35.99
CB PTR F 3 -23.43 -3.45 33.78
CG PTR F 3 -22.23 -3.41 32.84
CD1 PTR F 3 -21.13 -2.62 33.12
CD2 PTR F 3 -22.23 -4.15 31.67
CE1 PTR F 3 -20.04 -2.58 32.27
CE2 PTR F 3 -21.14 -4.11 30.80
CZ PTR F 3 -20.05 -3.32 31.11
OH PTR F 3 -19.02 -3.28 30.27
P PTR F 3 -17.75 -4.27 30.36
O1P PTR F 3 -18.22 -5.65 29.89
O2P PTR F 3 -16.70 -3.68 29.40
O3P PTR F 3 -17.32 -4.29 31.78
N GLU F 4 -24.07 -3.21 37.01
CA GLU F 4 -24.97 -2.99 38.15
C GLU F 4 -26.37 -2.55 37.74
N ASN F 5 -26.43 -1.63 36.78
CA ASN F 5 -27.65 -0.93 36.43
C ASN F 5 -28.18 -1.30 35.06
N VAL F 6 -27.77 -2.43 34.51
CA VAL F 6 -28.25 -2.88 33.21
C VAL F 6 -28.62 -4.36 33.23
N SER G 2 11.80 16.42 -28.99
CA SER G 2 13.25 16.31 -29.10
C SER G 2 13.92 16.36 -27.73
N LYS G 3 13.17 16.73 -26.70
CA LYS G 3 13.66 16.54 -25.35
C LYS G 3 13.64 15.05 -25.02
N PRO G 4 14.70 14.52 -24.41
CA PRO G 4 14.73 13.08 -24.09
C PRO G 4 13.84 12.76 -22.90
N LEU G 5 13.19 11.60 -22.96
CA LEU G 5 12.32 11.17 -21.87
C LEU G 5 13.07 11.10 -20.55
N ALA G 6 14.32 10.61 -20.57
CA ALA G 6 15.05 10.43 -19.33
C ALA G 6 15.32 11.74 -18.60
N GLU G 7 15.24 12.87 -19.31
CA GLU G 7 15.46 14.17 -18.67
C GLU G 7 14.20 14.75 -18.04
N GLN G 8 13.04 14.11 -18.22
CA GLN G 8 11.80 14.65 -17.70
C GLN G 8 11.52 14.09 -16.31
N ASP G 9 11.18 14.98 -15.37
CA ASP G 9 10.93 14.57 -13.99
C ASP G 9 9.82 13.53 -13.89
N TRP G 10 8.81 13.64 -14.75
CA TRP G 10 7.63 12.78 -14.68
C TRP G 10 7.78 11.44 -15.38
N TYR G 11 8.95 11.14 -15.97
CA TYR G 11 9.15 9.85 -16.63
C TYR G 11 9.77 8.87 -15.65
N HIS G 12 9.11 7.73 -15.44
CA HIS G 12 9.53 6.75 -14.46
C HIS G 12 10.02 5.44 -15.07
N GLY G 13 10.19 5.36 -16.38
CA GLY G 13 10.74 4.14 -16.96
C GLY G 13 9.78 2.98 -16.77
N ALA G 14 10.33 1.81 -16.47
CA ALA G 14 9.52 0.59 -16.45
C ALA G 14 8.96 0.24 -15.08
N ILE G 15 8.60 1.22 -14.25
CA ILE G 15 7.98 0.84 -12.97
C ILE G 15 6.65 0.15 -13.27
N PRO G 16 6.28 -0.88 -12.53
CA PRO G 16 5.00 -1.55 -12.75
C PRO G 16 3.83 -0.73 -12.24
N ARG G 17 2.64 -1.12 -12.71
CA ARG G 17 1.42 -0.46 -12.30
C ARG G 17 1.29 -0.36 -10.79
N ILE G 18 1.64 -1.42 -10.06
CA ILE G 18 1.47 -1.42 -8.61
C ILE G 18 2.33 -0.35 -7.95
N GLU G 19 3.50 -0.03 -8.52
CA GLU G 19 4.33 1.03 -7.98
C GLU G 19 3.78 2.42 -8.34
N ALA G 20 3.25 2.55 -9.55
CA ALA G 20 2.60 3.81 -9.91
C ALA G 20 1.48 4.14 -8.95
N GLN G 21 0.81 3.11 -8.43
CA GLN G 21 -0.29 3.31 -7.49
C GLN G 21 0.18 4.05 -6.23
N GLU G 22 1.38 3.75 -5.75
CA GLU G 22 1.90 4.42 -4.56
C GLU G 22 2.26 5.88 -4.83
N LEU G 23 2.51 6.23 -6.09
CA LEU G 23 3.01 7.55 -6.42
C LEU G 23 1.90 8.53 -6.79
N LEU G 24 0.70 8.03 -7.07
CA LEU G 24 -0.41 8.85 -7.56
C LEU G 24 -1.44 8.92 -6.45
N LYS G 25 -1.56 10.10 -5.84
CA LYS G 25 -2.33 10.24 -4.61
C LYS G 25 -3.32 11.39 -4.62
N LYS G 26 -3.13 12.40 -5.46
CA LYS G 26 -3.91 13.63 -5.42
C LYS G 26 -4.35 14.01 -6.82
N GLN G 27 -5.48 14.72 -6.89
CA GLN G 27 -6.09 15.12 -8.16
C GLN G 27 -5.06 15.72 -9.10
N GLY G 28 -4.95 15.14 -10.29
CA GLY G 28 -4.09 15.68 -11.30
C GLY G 28 -2.64 15.23 -11.24
N ASP G 29 -2.26 14.41 -10.25
CA ASP G 29 -0.94 13.79 -10.23
C ASP G 29 -0.76 12.94 -11.47
N PHE G 30 0.44 12.99 -12.08
CA PHE G 30 0.65 12.17 -13.26
C PHE G 30 2.12 11.76 -13.39
N LEU G 31 2.30 10.66 -14.12
CA LEU G 31 3.63 10.20 -14.52
C LEU G 31 3.49 9.41 -15.82
N VAL G 32 4.63 9.18 -16.48
CA VAL G 32 4.68 8.33 -17.67
C VAL G 32 5.59 7.14 -17.40
N ARG G 33 5.18 5.97 -17.90
CA ARG G 33 5.92 4.73 -17.68
C ARG G 33 5.81 3.84 -18.91
N GLU G 34 6.66 2.81 -18.95
CA GLU G 34 6.66 1.82 -20.02
C GLU G 34 5.77 0.65 -19.61
N SER G 35 4.78 0.33 -20.45
CA SER G 35 3.77 -0.67 -20.10
C SER G 35 4.36 -2.07 -19.94
N HIS G 36 3.79 -2.82 -18.99
CA HIS G 36 4.03 -4.26 -18.90
C HIS G 36 2.95 -5.07 -19.57
N GLY G 37 1.67 -4.69 -19.41
CA GLY G 37 0.59 -5.47 -20.00
C GLY G 37 0.54 -5.37 -21.51
N LYS G 38 1.04 -4.26 -22.06
CA LYS G 38 1.10 -4.03 -23.51
C LYS G 38 2.54 -3.64 -23.83
N PRO G 39 3.44 -4.63 -23.92
CA PRO G 39 4.86 -4.31 -24.08
C PRO G 39 5.12 -3.45 -25.30
N GLY G 40 6.02 -2.50 -25.13
CA GLY G 40 6.33 -1.54 -26.17
C GLY G 40 5.51 -0.27 -26.15
N GLU G 41 4.39 -0.25 -25.43
CA GLU G 41 3.55 0.94 -25.33
C GLU G 41 4.00 1.81 -24.16
N TYR G 42 3.74 3.10 -24.28
CA TYR G 42 3.93 4.03 -23.17
C TYR G 42 2.57 4.34 -22.56
N VAL G 43 2.60 4.67 -21.27
CA VAL G 43 1.40 4.87 -20.47
C VAL G 43 1.49 6.19 -19.73
N LEU G 44 0.43 6.98 -19.80
CA LEU G 44 0.23 8.11 -18.90
C LEU G 44 -0.66 7.64 -17.76
N SER G 45 -0.13 7.63 -16.54
CA SER G 45 -0.89 7.25 -15.35
C SER G 45 -1.22 8.52 -14.56
N VAL G 46 -2.49 8.69 -14.21
CA VAL G 46 -2.99 9.93 -13.61
C VAL G 46 -3.97 9.60 -12.50
N TYR G 47 -3.95 10.40 -11.43
CA TYR G 47 -4.94 10.32 -10.38
C TYR G 47 -6.05 11.32 -10.66
N SER G 48 -7.29 10.84 -10.73
CA SER G 48 -8.38 11.77 -10.99
C SER G 48 -9.64 11.26 -10.33
N ASP G 49 -10.29 12.13 -9.58
CA ASP G 49 -11.55 11.84 -8.88
C ASP G 49 -11.42 10.56 -8.06
N GLY G 50 -10.32 10.46 -7.32
CA GLY G 50 -10.10 9.34 -6.44
C GLY G 50 -9.73 8.05 -7.10
N GLN G 51 -9.41 8.07 -8.40
CA GLN G 51 -9.08 6.85 -9.14
C GLN G 51 -7.77 7.01 -9.90
N ARG G 52 -7.02 5.92 -9.98
CA ARG G 52 -5.83 5.88 -10.80
C ARG G 52 -6.23 5.38 -12.17
N ARG G 53 -5.93 6.17 -13.19
CA ARG G 53 -6.33 5.88 -14.56
C ARG G 53 -5.09 5.81 -15.44
N HIS G 54 -5.10 4.88 -16.38
CA HIS G 54 -3.91 4.54 -17.16
C HIS G 54 -4.26 4.64 -18.64
N PHE G 55 -3.70 5.64 -19.32
CA PHE G 55 -3.99 5.93 -20.71
C PHE G 55 -2.83 5.49 -21.57
N ILE G 56 -3.11 4.73 -22.63
CA ILE G 56 -2.08 4.45 -23.61
C ILE G 56 -1.76 5.72 -24.37
N ILE G 57 -0.48 6.06 -24.46
CA ILE G 57 0.00 7.10 -25.36
C ILE G 57 0.18 6.45 -26.72
N GLN G 58 -0.78 6.63 -27.61
CA GLN G 58 -0.77 5.90 -28.88
C GLN G 58 0.37 6.37 -29.76
N TYR G 59 0.99 5.42 -30.45
CA TYR G 59 2.05 5.70 -31.42
C TYR G 59 1.57 5.16 -32.76
N VAL G 60 1.14 6.07 -33.63
CA VAL G 60 0.54 5.72 -34.92
C VAL G 60 1.11 6.68 -35.97
N ASP G 61 1.58 6.12 -37.08
CA ASP G 61 2.09 6.90 -38.21
C ASP G 61 3.12 7.92 -37.74
N ASN G 62 4.07 7.45 -36.94
CA ASN G 62 5.23 8.22 -36.46
C ASN G 62 4.85 9.33 -35.48
N MET G 63 3.64 9.31 -34.95
CA MET G 63 3.16 10.35 -34.05
C MET G 63 2.70 9.73 -32.74
N TYR G 64 2.98 10.44 -31.65
CA TYR G 64 2.41 10.14 -30.35
C TYR G 64 1.19 11.02 -30.13
N ARG G 65 0.12 10.42 -29.64
CA ARG G 65 -1.12 11.16 -29.48
C ARG G 65 -1.95 10.50 -28.39
N PHE G 66 -2.94 11.26 -27.91
CA PHE G 66 -4.03 10.67 -27.16
C PHE G 66 -5.20 10.46 -28.10
N GLU G 67 -6.01 11.51 -28.31
CA GLU G 67 -7.14 11.45 -29.24
C GLU G 67 -7.10 12.58 -30.26
N GLY G 68 -6.06 13.40 -30.27
CA GLY G 68 -6.07 14.58 -31.10
C GLY G 68 -4.76 14.81 -31.83
N THR G 69 -4.15 15.97 -31.59
CA THR G 69 -2.92 16.33 -32.28
C THR G 69 -1.83 15.31 -31.99
N GLY G 70 -1.09 14.93 -33.04
CA GLY G 70 0.07 14.07 -32.90
C GLY G 70 1.35 14.87 -32.89
N PHE G 71 2.29 14.44 -32.05
CA PHE G 71 3.60 15.04 -31.97
C PHE G 71 4.64 13.95 -32.20
N SER G 72 5.83 14.36 -32.64
CA SER G 72 6.86 13.37 -32.94
C SER G 72 7.40 12.69 -31.68
N ASN G 73 7.17 13.26 -30.51
CA ASN G 73 7.79 12.76 -29.28
C ASN G 73 6.84 12.98 -28.10
N ILE G 74 7.03 12.16 -27.08
CA ILE G 74 6.16 12.17 -25.91
C ILE G 74 6.32 13.43 -25.06
N PRO G 75 7.54 13.92 -24.77
CA PRO G 75 7.64 15.15 -23.99
C PRO G 75 6.88 16.33 -24.59
N GLN G 76 6.82 16.46 -25.92
CA GLN G 76 6.06 17.56 -26.49
C GLN G 76 4.56 17.38 -26.24
N LEU G 77 4.07 16.15 -26.33
CA LEU G 77 2.67 15.88 -26.07
C LEU G 77 2.32 16.16 -24.61
N ILE G 78 3.13 15.65 -23.67
CA ILE G 78 2.87 15.87 -22.26
C ILE G 78 2.98 17.34 -21.90
N ASP G 79 4.02 18.01 -22.36
CA ASP G 79 4.18 19.44 -22.08
C ASP G 79 2.99 20.24 -22.59
N HIS G 80 2.49 19.88 -23.77
CA HIS G 80 1.33 20.57 -24.32
C HIS G 80 0.14 20.49 -23.36
N HIS G 81 -0.14 19.28 -22.88
CA HIS G 81 -1.28 19.11 -21.97
C HIS G 81 -1.02 19.74 -20.61
N TYR G 82 0.22 19.68 -20.12
CA TYR G 82 0.53 20.28 -18.83
C TYR G 82 0.42 21.80 -18.85
N THR G 83 0.90 22.44 -19.92
CA THR G 83 0.91 23.89 -19.93
C THR G 83 -0.44 24.48 -20.35
N THR G 84 -1.14 23.86 -21.30
CA THR G 84 -2.41 24.39 -21.77
C THR G 84 -3.60 23.89 -20.95
N LYS G 85 -3.42 22.85 -20.15
CA LYS G 85 -4.48 22.22 -19.38
C LYS G 85 -5.58 21.64 -20.26
N GLN G 86 -5.26 21.34 -21.52
CA GLN G 86 -6.20 20.64 -22.38
C GLN G 86 -6.48 19.25 -21.82
N VAL G 87 -7.76 18.85 -21.84
CA VAL G 87 -8.12 17.53 -21.36
C VAL G 87 -7.39 16.46 -22.16
N ILE G 88 -7.02 15.37 -21.47
CA ILE G 88 -6.28 14.28 -22.12
C ILE G 88 -7.09 13.73 -23.29
N THR G 89 -8.37 13.43 -23.03
CA THR G 89 -9.33 13.08 -24.07
C THR G 89 -10.64 13.73 -23.67
N LYS G 90 -11.53 13.92 -24.65
CA LYS G 90 -12.82 14.51 -24.34
C LYS G 90 -13.64 13.62 -23.42
N LYS G 91 -13.57 12.29 -23.63
CA LYS G 91 -14.35 11.37 -22.83
C LYS G 91 -13.93 11.39 -21.36
N SER G 92 -12.63 11.49 -21.10
CA SER G 92 -12.13 11.41 -19.73
C SER G 92 -12.23 12.75 -19.01
N GLY G 93 -12.00 13.85 -19.71
CA GLY G 93 -11.94 15.16 -19.07
C GLY G 93 -10.80 15.34 -18.10
N VAL G 94 -9.76 14.52 -18.19
CA VAL G 94 -8.67 14.53 -17.21
C VAL G 94 -7.69 15.65 -17.53
N VAL G 95 -7.28 16.40 -16.51
CA VAL G 95 -6.36 17.53 -16.65
C VAL G 95 -5.11 17.24 -15.83
N LEU G 96 -3.94 17.47 -16.43
CA LEU G 96 -2.67 17.24 -15.76
C LEU G 96 -2.31 18.43 -14.88
N LEU G 97 -2.01 18.16 -13.60
CA LEU G 97 -1.70 19.22 -12.65
C LEU G 97 -0.36 19.08 -11.97
N ASN G 98 0.03 17.88 -11.53
CA ASN G 98 1.20 17.71 -10.67
C ASN G 98 2.10 16.62 -11.24
N PRO G 99 3.22 16.97 -11.88
CA PRO G 99 4.15 15.92 -12.34
C PRO G 99 4.84 15.28 -11.15
N ILE G 100 4.71 13.96 -11.03
CA ILE G 100 5.26 13.23 -9.90
C ILE G 100 6.70 12.84 -10.24
N PRO G 101 7.69 13.24 -9.46
CA PRO G 101 9.08 13.01 -9.84
C PRO G 101 9.51 11.58 -9.54
N LYS G 102 10.52 11.15 -10.30
CA LYS G 102 11.10 9.82 -10.18
C LYS G 102 11.97 9.74 -8.93
N ASP H 1 -4.84 -5.98 -17.17
CA ASP H 1 -5.41 -4.88 -16.38
C ASP H 1 -5.97 -3.84 -17.32
N GLU H 2 -6.87 -3.00 -16.81
CA GLU H 2 -7.61 -2.07 -17.64
C GLU H 2 -6.80 -0.84 -18.05
N PTR H 3 -6.83 -0.53 -19.34
CA PTR H 3 -6.29 0.73 -19.86
C PTR H 3 -7.39 1.54 -20.52
O PTR H 3 -8.42 0.98 -20.95
CB PTR H 3 -5.23 0.46 -20.91
CG PTR H 3 -3.88 0.01 -20.37
CD1 PTR H 3 -3.03 0.90 -19.73
CD2 PTR H 3 -3.44 -1.30 -20.55
CE1 PTR H 3 -1.79 0.50 -19.26
CE2 PTR H 3 -2.20 -1.70 -20.08
CZ PTR H 3 -1.38 -0.80 -19.44
OH PTR H 3 -0.19 -1.17 -19.02
P PTR H 3 0.07 -1.88 -17.59
O1P PTR H 3 -0.52 -3.29 -17.69
O2P PTR H 3 1.59 -1.91 -17.44
O3P PTR H 3 -0.58 -1.03 -16.57
N GLU H 4 -7.16 2.85 -20.61
CA GLU H 4 -8.01 3.75 -21.40
C GLU H 4 -7.24 4.22 -22.65
N ASN H 5 -7.97 4.78 -23.61
CA ASN H 5 -7.38 5.22 -24.88
C ASN H 5 -6.73 4.06 -25.63
N VAL H 6 -7.39 2.91 -25.61
CA VAL H 6 -6.99 1.67 -26.30
C VAL H 6 -5.89 0.92 -25.56
N LYS I 3 9.18 -1.05 -0.48
CA LYS I 3 10.13 -0.35 -1.35
C LYS I 3 9.97 -0.77 -2.81
N PRO I 4 10.19 0.17 -3.72
CA PRO I 4 10.10 -0.15 -5.15
C PRO I 4 11.18 -1.13 -5.56
N LEU I 5 10.94 -1.78 -6.70
CA LEU I 5 11.91 -2.74 -7.22
C LEU I 5 13.27 -2.10 -7.45
N ALA I 6 13.30 -0.89 -8.01
CA ALA I 6 14.57 -0.22 -8.27
C ALA I 6 15.40 0.01 -7.02
N GLU I 7 14.80 -0.11 -5.83
CA GLU I 7 15.54 0.04 -4.59
C GLU I 7 15.93 -1.29 -3.94
N GLN I 8 15.50 -2.42 -4.51
CA GLN I 8 15.87 -3.73 -3.98
C GLN I 8 17.25 -4.12 -4.47
N ASP I 9 18.11 -4.58 -3.55
CA ASP I 9 19.48 -4.96 -3.93
C ASP I 9 19.50 -6.07 -4.98
N TRP I 10 18.54 -6.98 -4.93
CA TRP I 10 18.50 -8.13 -5.82
C TRP I 10 17.82 -7.87 -7.16
N TYR I 11 17.35 -6.65 -7.42
CA TYR I 11 16.67 -6.34 -8.66
C TYR I 11 17.66 -5.72 -9.65
N HIS I 12 17.84 -6.37 -10.79
CA HIS I 12 18.86 -5.97 -11.76
C HIS I 12 18.28 -5.36 -13.03
N GLY I 13 16.97 -5.12 -13.06
CA GLY I 13 16.40 -4.39 -14.19
C GLY I 13 16.48 -5.20 -15.47
N ALA I 14 16.93 -4.57 -16.54
CA ALA I 14 16.80 -5.11 -17.89
C ALA I 14 18.01 -5.95 -18.33
N ILE I 15 18.85 -6.40 -17.41
CA ILE I 15 20.01 -7.18 -17.87
C ILE I 15 19.53 -8.44 -18.57
N PRO I 16 20.17 -8.86 -19.66
CA PRO I 16 19.73 -10.07 -20.36
C PRO I 16 20.18 -11.32 -19.64
N ARG I 17 19.55 -12.44 -20.03
CA ARG I 17 19.89 -13.74 -19.47
C ARG I 17 21.40 -13.99 -19.44
N ILE I 18 22.10 -13.70 -20.54
CA ILE I 18 23.54 -13.98 -20.60
C ILE I 18 24.30 -13.23 -19.53
N GLU I 19 23.87 -12.02 -19.19
CA GLU I 19 24.54 -11.28 -18.13
C GLU I 19 24.16 -11.81 -16.75
N ALA I 20 22.91 -12.24 -16.58
CA ALA I 20 22.49 -12.83 -15.32
C ALA I 20 23.31 -14.07 -14.99
N GLN I 21 23.66 -14.84 -16.02
CA GLN I 21 24.46 -16.05 -15.85
C GLN I 21 25.79 -15.76 -15.14
N GLU I 22 26.46 -14.68 -15.53
CA GLU I 22 27.76 -14.37 -14.96
C GLU I 22 27.65 -14.00 -13.48
N LEU I 23 26.52 -13.45 -13.07
CA LEU I 23 26.34 -12.97 -11.70
C LEU I 23 25.92 -14.06 -10.72
N LEU I 24 25.47 -15.22 -11.21
CA LEU I 24 24.95 -16.28 -10.36
C LEU I 24 25.97 -17.41 -10.36
N LYS I 25 26.53 -17.71 -9.19
CA LYS I 25 27.71 -18.59 -9.14
C LYS I 25 27.61 -19.72 -8.12
N LYS I 26 26.84 -19.53 -7.05
CA LYS I 26 26.78 -20.53 -5.98
C LYS I 26 25.33 -20.83 -5.60
N GLN I 27 25.15 -22.00 -4.98
CA GLN I 27 23.86 -22.52 -4.57
C GLN I 27 23.04 -21.47 -3.84
N GLY I 28 21.87 -21.15 -4.38
CA GLY I 28 20.96 -20.23 -3.74
C GLY I 28 21.14 -18.77 -4.12
N ASP I 29 22.13 -18.43 -4.93
CA ASP I 29 22.25 -17.07 -5.44
C ASP I 29 21.03 -16.73 -6.29
N PHE I 30 20.53 -15.51 -6.16
CA PHE I 30 19.34 -15.16 -6.94
C PHE I 30 19.32 -13.67 -7.26
N LEU I 31 18.60 -13.36 -8.33
CA LEU I 31 18.29 -11.99 -8.71
C LEU I 31 16.99 -11.98 -9.49
N VAL I 32 16.42 -10.79 -9.66
CA VAL I 32 15.21 -10.58 -10.44
C VAL I 32 15.54 -9.62 -11.58
N ARG I 33 14.98 -9.89 -12.76
CA ARG I 33 15.23 -9.09 -13.95
C ARG I 33 13.97 -9.08 -14.81
N GLU I 34 13.99 -8.22 -15.82
CA GLU I 34 12.87 -8.12 -16.75
C GLU I 34 13.12 -9.02 -17.95
N SER I 35 12.13 -9.83 -18.31
CA SER I 35 12.30 -10.84 -19.36
C SER I 35 12.47 -10.21 -20.74
N HIS I 36 13.32 -10.82 -21.56
CA HIS I 36 13.35 -10.54 -22.99
C HIS I 36 12.54 -11.55 -23.81
N GLY I 37 12.61 -12.82 -23.44
CA GLY I 37 11.83 -13.83 -24.15
C GLY I 37 10.34 -13.67 -24.00
N LYS I 38 9.90 -13.13 -22.86
CA LYS I 38 8.48 -12.91 -22.57
C LYS I 38 8.32 -11.46 -22.13
N PRO I 39 8.27 -10.53 -23.09
CA PRO I 39 8.28 -9.10 -22.73
C PRO I 39 7.13 -8.73 -21.80
N GLY I 40 7.43 -7.86 -20.84
CA GLY I 40 6.48 -7.44 -19.84
C GLY I 40 6.44 -8.32 -18.60
N GLU I 41 7.05 -9.49 -18.64
CA GLU I 41 7.08 -10.39 -17.50
C GLU I 41 8.40 -10.25 -16.77
N TYR I 42 8.38 -10.56 -15.48
CA TYR I 42 9.58 -10.56 -14.65
C TYR I 42 10.10 -11.98 -14.48
N VAL I 43 11.40 -12.09 -14.19
CA VAL I 43 12.09 -13.37 -14.08
C VAL I 43 12.83 -13.43 -12.76
N LEU I 44 12.72 -14.55 -12.07
CA LEU I 44 13.59 -14.89 -10.96
C LEU I 44 14.66 -15.84 -11.51
N SER I 45 15.93 -15.42 -11.44
CA SER I 45 17.06 -16.22 -11.90
C SER I 45 17.87 -16.69 -10.70
N VAL I 46 18.18 -18.00 -10.64
CA VAL I 46 18.81 -18.59 -9.47
CA VAL I 46 18.83 -18.57 -9.47
C VAL I 46 19.90 -19.54 -9.93
N TYR I 47 20.95 -19.67 -9.12
CA TYR I 47 21.92 -20.75 -9.29
C TYR I 47 21.50 -21.85 -8.33
N SER I 48 21.26 -23.05 -8.86
CA SER I 48 20.82 -24.15 -8.03
C SER I 48 21.30 -25.46 -8.64
N ASP I 49 21.92 -26.28 -7.81
CA ASP I 49 22.48 -27.58 -8.21
C ASP I 49 23.23 -27.48 -9.53
N GLY I 50 24.22 -26.59 -9.54
CA GLY I 50 25.17 -26.49 -10.62
C GLY I 50 24.68 -25.80 -11.88
N GLN I 51 23.45 -25.29 -11.90
CA GLN I 51 22.87 -24.71 -13.10
C GLN I 51 22.18 -23.40 -12.79
N ARG I 52 22.17 -22.51 -13.77
CA ARG I 52 21.34 -21.32 -13.68
C ARG I 52 19.94 -21.65 -14.15
N ARG I 53 18.94 -21.31 -13.33
CA ARG I 53 17.56 -21.64 -13.62
C ARG I 53 16.73 -20.36 -13.57
N HIS I 54 15.75 -20.26 -14.47
CA HIS I 54 15.03 -19.02 -14.71
C HIS I 54 13.54 -19.28 -14.63
N PHE I 55 12.85 -18.56 -13.74
CA PHE I 55 11.42 -18.74 -13.50
C PHE I 55 10.68 -17.47 -13.88
N ILE I 56 9.60 -17.61 -14.65
CA ILE I 56 8.70 -16.49 -14.86
C ILE I 56 7.90 -16.24 -13.58
N ILE I 57 7.81 -14.99 -13.19
CA ILE I 57 6.92 -14.58 -12.10
C ILE I 57 5.57 -14.31 -12.74
N GLN I 58 4.61 -15.19 -12.49
CA GLN I 58 3.31 -15.07 -13.10
C GLN I 58 2.57 -13.87 -12.52
N TYR I 59 1.80 -13.18 -13.36
CA TYR I 59 0.99 -12.06 -12.91
C TYR I 59 -0.44 -12.28 -13.40
N VAL I 60 -1.32 -12.60 -12.46
CA VAL I 60 -2.69 -13.05 -12.75
C VAL I 60 -3.61 -12.43 -11.71
N ASP I 61 -4.70 -11.81 -12.17
CA ASP I 61 -5.71 -11.22 -11.30
C ASP I 61 -5.08 -10.29 -10.26
N ASN I 62 -4.20 -9.41 -10.76
CA ASN I 62 -3.52 -8.38 -9.96
C ASN I 62 -2.55 -8.96 -8.93
N MET I 63 -2.15 -10.22 -9.07
CA MET I 63 -1.30 -10.89 -8.10
C MET I 63 -0.10 -11.50 -8.79
N TYR I 64 1.06 -11.36 -8.15
CA TYR I 64 2.27 -12.05 -8.59
C TYR I 64 2.38 -13.38 -7.85
N ARG I 65 2.83 -14.41 -8.56
CA ARG I 65 2.89 -15.74 -7.97
C ARG I 65 3.86 -16.63 -8.73
N PHE I 66 4.28 -17.69 -8.05
CA PHE I 66 4.86 -18.83 -8.74
C PHE I 66 3.80 -19.93 -8.84
N GLU I 67 3.78 -20.86 -7.88
CA GLU I 67 2.76 -21.89 -7.88
C GLU I 67 2.00 -21.97 -6.56
N GLY I 68 2.11 -20.94 -5.73
CA GLY I 68 1.40 -20.89 -4.46
C GLY I 68 0.42 -19.73 -4.38
N THR I 69 0.46 -18.99 -3.28
CA THR I 69 -0.46 -17.89 -3.09
C THR I 69 0.01 -16.64 -3.84
N GLY I 70 -0.87 -15.66 -3.92
CA GLY I 70 -0.63 -14.45 -4.67
C GLY I 70 -0.19 -13.29 -3.81
N PHE I 71 0.62 -12.41 -4.39
CA PHE I 71 1.19 -11.26 -3.70
C PHE I 71 0.94 -9.99 -4.52
N SER I 72 0.67 -8.88 -3.84
CA SER I 72 0.42 -7.63 -4.55
C SER I 72 1.65 -7.11 -5.26
N ASN I 73 2.85 -7.45 -4.77
CA ASN I 73 4.06 -6.93 -5.37
C ASN I 73 5.15 -7.98 -5.30
N ILE I 74 6.13 -7.84 -6.18
CA ILE I 74 7.22 -8.80 -6.29
C ILE I 74 8.09 -8.82 -5.03
N PRO I 75 8.46 -7.68 -4.43
CA PRO I 75 9.28 -7.77 -3.21
C PRO I 75 8.68 -8.65 -2.12
N GLN I 76 7.36 -8.63 -1.95
CA GLN I 76 6.75 -9.48 -0.94
C GLN I 76 6.81 -10.96 -1.33
N LEU I 77 6.62 -11.26 -2.61
CA LEU I 77 6.75 -12.65 -3.06
C LEU I 77 8.17 -13.15 -2.80
N ILE I 78 9.16 -12.36 -3.20
CA ILE I 78 10.55 -12.76 -3.00
C ILE I 78 10.85 -12.91 -1.51
N ASP I 79 10.38 -11.96 -0.70
CA ASP I 79 10.73 -12.02 0.72
C ASP I 79 10.06 -13.18 1.43
N HIS I 80 8.88 -13.61 0.96
CA HIS I 80 8.28 -14.81 1.52
C HIS I 80 9.20 -16.00 1.33
N HIS I 81 9.73 -16.17 0.11
CA HIS I 81 10.60 -17.31 -0.15
C HIS I 81 11.94 -17.16 0.54
N TYR I 82 12.46 -15.94 0.63
CA TYR I 82 13.74 -15.75 1.29
C TYR I 82 13.63 -15.95 2.79
N THR I 83 12.49 -15.58 3.38
CA THR I 83 12.33 -15.69 4.84
C THR I 83 11.98 -17.12 5.26
N THR I 84 11.06 -17.77 4.55
CA THR I 84 10.58 -19.08 4.95
C THR I 84 11.37 -20.23 4.35
N LYS I 85 12.18 -19.97 3.32
CA LYS I 85 12.89 -20.99 2.57
C LYS I 85 11.95 -21.98 1.88
N GLN I 86 10.68 -21.62 1.70
CA GLN I 86 9.80 -22.46 0.90
C GLN I 86 10.30 -22.50 -0.54
N VAL I 87 10.19 -23.68 -1.16
CA VAL I 87 10.72 -23.84 -2.51
C VAL I 87 9.96 -22.98 -3.50
N ILE I 88 10.66 -22.51 -4.53
CA ILE I 88 10.01 -21.73 -5.58
C ILE I 88 8.94 -22.57 -6.28
N THR I 89 9.30 -23.78 -6.68
CA THR I 89 8.35 -24.77 -7.15
C THR I 89 8.76 -26.12 -6.56
N LYS I 90 7.79 -27.01 -6.38
CA LYS I 90 8.12 -28.33 -5.88
C LYS I 90 9.00 -29.10 -6.85
N LYS I 91 8.76 -28.95 -8.15
CA LYS I 91 9.54 -29.67 -9.15
C LYS I 91 11.01 -29.25 -9.13
N SER I 92 11.26 -27.94 -8.99
CA SER I 92 12.63 -27.45 -9.00
C SER I 92 13.32 -27.63 -7.65
N GLY I 93 12.57 -27.53 -6.55
CA GLY I 93 13.14 -27.55 -5.21
C GLY I 93 14.04 -26.37 -4.90
N VAL I 94 13.95 -25.29 -5.68
CA VAL I 94 14.90 -24.19 -5.54
C VAL I 94 14.61 -23.39 -4.29
N VAL I 95 15.67 -23.06 -3.55
CA VAL I 95 15.60 -22.29 -2.32
C VAL I 95 16.46 -21.03 -2.49
N LEU I 96 15.89 -19.87 -2.12
CA LEU I 96 16.64 -18.61 -2.20
C LEU I 96 17.50 -18.45 -0.95
N LEU I 97 18.79 -18.23 -1.15
CA LEU I 97 19.74 -18.08 -0.05
C LEU I 97 20.51 -16.78 -0.08
N ASN I 98 20.93 -16.29 -1.24
CA ASN I 98 21.86 -15.17 -1.33
CA ASN I 98 21.86 -15.16 -1.33
C ASN I 98 21.40 -14.19 -2.40
N PRO I 99 20.88 -13.03 -2.02
CA PRO I 99 20.50 -12.02 -3.02
C PRO I 99 21.77 -11.41 -3.62
N ILE I 100 21.89 -11.51 -4.94
CA ILE I 100 23.06 -10.96 -5.62
C ILE I 100 22.86 -9.47 -5.79
N PRO I 101 23.73 -8.64 -5.22
CA PRO I 101 23.52 -7.19 -5.28
C PRO I 101 23.79 -6.63 -6.66
N LYS I 102 23.01 -5.62 -7.02
CA LYS I 102 23.23 -4.89 -8.26
C LYS I 102 24.40 -3.93 -8.09
N ASP J 1 14.59 -19.20 -25.36
CA ASP J 1 15.21 -19.90 -24.24
C ASP J 1 14.15 -20.47 -23.29
N GLU J 2 14.55 -21.45 -22.49
CA GLU J 2 13.64 -22.16 -21.61
C GLU J 2 13.45 -21.45 -20.26
N PTR J 3 12.20 -21.38 -19.82
CA PTR J 3 11.90 -20.99 -18.44
C PTR J 3 11.41 -22.24 -17.71
O PTR J 3 10.62 -23.00 -18.28
CB PTR J 3 10.88 -19.84 -18.42
CG PTR J 3 11.46 -18.50 -18.86
CD1 PTR J 3 12.29 -17.77 -18.00
CD2 PTR J 3 11.17 -17.95 -20.10
CE1 PTR J 3 12.82 -16.56 -18.38
CE2 PTR J 3 11.69 -16.72 -20.48
CZ PTR J 3 12.52 -16.03 -19.63
OH PTR J 3 13.01 -14.86 -19.98
P PTR J 3 14.41 -14.67 -20.75
O1P PTR J 3 15.42 -15.43 -20.00
O2P PTR J 3 14.70 -13.16 -20.70
O3P PTR J 3 14.25 -15.17 -22.19
N GLU J 4 11.87 -22.44 -16.49
CA GLU J 4 11.62 -23.66 -15.73
C GLU J 4 10.14 -23.99 -15.57
N ASN J 5 9.33 -22.94 -15.39
CA ASN J 5 7.92 -23.09 -15.04
C ASN J 5 6.99 -22.70 -16.17
N VAL J 6 7.48 -22.66 -17.41
CA VAL J 6 6.66 -22.29 -18.55
C VAL J 6 6.63 -23.41 -19.58
N SER K 2 33.89 -9.37 -22.24
CA SER K 2 33.25 -8.07 -22.45
C SER K 2 32.53 -7.59 -21.19
N LYS K 3 32.41 -6.27 -21.08
CA LYS K 3 31.69 -5.65 -19.98
C LYS K 3 30.19 -5.73 -20.24
N PRO K 4 29.37 -5.58 -19.20
CA PRO K 4 27.92 -5.58 -19.40
C PRO K 4 27.48 -4.47 -20.34
N LEU K 5 26.30 -4.67 -20.95
CA LEU K 5 25.74 -3.70 -21.87
C LEU K 5 25.66 -2.31 -21.26
N ALA K 6 25.17 -2.22 -20.02
CA ALA K 6 24.97 -0.92 -19.40
C ALA K 6 26.25 -0.12 -19.28
N GLU K 7 27.41 -0.78 -19.35
CA GLU K 7 28.69 -0.12 -19.26
C GLU K 7 29.31 0.20 -20.63
N GLN K 8 28.63 -0.13 -21.72
CA GLN K 8 29.11 0.18 -23.06
C GLN K 8 28.69 1.59 -23.43
N ASP K 9 29.65 2.38 -23.95
CA ASP K 9 29.34 3.76 -24.27
C ASP K 9 28.21 3.87 -25.30
N TRP K 10 28.13 2.92 -26.22
CA TRP K 10 27.17 2.97 -27.31
C TRP K 10 25.82 2.35 -26.96
N TYR K 11 25.62 1.89 -25.73
CA TYR K 11 24.35 1.30 -25.34
C TYR K 11 23.48 2.36 -24.66
N HIS K 12 22.27 2.56 -25.20
CA HIS K 12 21.37 3.60 -24.74
C HIS K 12 20.11 3.08 -24.07
N GLY K 13 20.06 1.79 -23.74
CA GLY K 13 18.89 1.30 -23.03
C GLY K 13 17.63 1.42 -23.84
N ALA K 14 16.54 1.84 -23.19
CA ALA K 14 15.22 1.82 -23.81
C ALA K 14 14.85 3.14 -24.49
N ILE K 15 15.81 3.90 -24.98
CA ILE K 15 15.41 5.13 -25.69
C ILE K 15 14.57 4.76 -26.90
N PRO K 16 13.54 5.53 -27.24
CA PRO K 16 12.72 5.21 -28.42
C PRO K 16 13.43 5.59 -29.71
N ARG K 17 12.92 5.05 -30.80
CA ARG K 17 13.46 5.34 -32.12
C ARG K 17 13.64 6.84 -32.37
N ILE K 18 12.65 7.64 -31.97
CA ILE K 18 12.71 9.08 -32.26
C ILE K 18 13.93 9.72 -31.59
N GLU K 19 14.27 9.27 -30.38
CA GLU K 19 15.45 9.81 -29.71
C GLU K 19 16.74 9.31 -30.37
N ALA K 20 16.78 8.05 -30.78
CA ALA K 20 17.97 7.55 -31.46
C ALA K 20 18.22 8.33 -32.74
N GLN K 21 17.16 8.69 -33.45
CA GLN K 21 17.33 9.35 -34.74
C GLN K 21 17.94 10.75 -34.58
N GLU K 22 17.72 11.39 -33.44
CA GLU K 22 18.33 12.70 -33.18
C GLU K 22 19.79 12.58 -32.76
N LEU K 23 20.24 11.41 -32.33
CA LEU K 23 21.62 11.17 -31.93
C LEU K 23 22.50 10.69 -33.08
N LEU K 24 21.90 10.29 -34.19
CA LEU K 24 22.64 9.71 -35.31
C LEU K 24 22.63 10.74 -36.45
N LYS K 25 23.82 11.22 -36.82
CA LYS K 25 23.93 12.40 -37.67
C LYS K 25 24.89 12.22 -38.85
N LYS K 26 25.93 11.41 -38.68
CA LYS K 26 27.01 11.31 -39.64
C LYS K 26 27.24 9.86 -40.05
N GLN K 27 27.91 9.69 -41.18
CA GLN K 27 28.18 8.36 -41.73
C GLN K 27 28.85 7.46 -40.70
N GLY K 28 28.22 6.32 -40.42
CA GLY K 28 28.79 5.35 -39.52
C GLY K 28 28.49 5.54 -38.04
N ASP K 29 27.76 6.60 -37.66
CA ASP K 29 27.28 6.76 -36.29
C ASP K 29 26.40 5.58 -35.90
N PHE K 30 26.56 5.07 -34.69
CA PHE K 30 25.75 3.93 -34.28
C PHE K 30 25.51 3.91 -32.78
N LEU K 31 24.42 3.25 -32.40
CA LEU K 31 24.10 2.99 -31.00
C LEU K 31 23.25 1.73 -30.95
N VAL K 32 23.11 1.16 -29.75
CA VAL K 32 22.26 0.01 -29.51
C VAL K 32 21.18 0.39 -28.49
N ARG K 33 19.96 -0.10 -28.69
CA ARG K 33 18.84 0.21 -27.81
C ARG K 33 17.90 -0.98 -27.75
N GLU K 34 17.01 -0.98 -26.76
CA GLU K 34 15.96 -1.98 -26.64
C GLU K 34 14.77 -1.54 -27.47
N SER K 35 14.23 -2.46 -28.27
CA SER K 35 13.16 -2.13 -29.21
C SER K 35 11.82 -1.87 -28.50
N HIS K 36 11.05 -0.94 -29.07
CA HIS K 36 9.64 -0.80 -28.74
C HIS K 36 8.73 -1.48 -29.74
N GLY K 37 9.05 -1.40 -31.04
CA GLY K 37 8.20 -2.05 -32.03
C GLY K 37 8.23 -3.56 -31.96
N LYS K 38 9.34 -4.13 -31.51
CA LYS K 38 9.50 -5.58 -31.32
C LYS K 38 10.01 -5.80 -29.90
N PRO K 39 9.12 -5.76 -28.91
CA PRO K 39 9.55 -5.81 -27.51
C PRO K 39 10.40 -7.05 -27.23
N GLY K 40 11.43 -6.87 -26.40
CA GLY K 40 12.35 -7.94 -26.07
C GLY K 40 13.54 -8.05 -26.99
N GLU K 41 13.47 -7.43 -28.17
CA GLU K 41 14.58 -7.45 -29.12
C GLU K 41 15.48 -6.25 -28.90
N TYR K 42 16.74 -6.41 -29.30
CA TYR K 42 17.70 -5.32 -29.31
C TYR K 42 17.87 -4.80 -30.73
N VAL K 43 18.20 -3.52 -30.83
CA VAL K 43 18.29 -2.80 -32.11
C VAL K 43 19.65 -2.16 -32.23
N LEU K 44 20.29 -2.33 -33.40
CA LEU K 44 21.43 -1.52 -33.79
C LEU K 44 20.91 -0.42 -34.71
N SER K 45 21.04 0.83 -34.27
CA SER K 45 20.60 1.99 -35.05
C SER K 45 21.84 2.69 -35.59
N VAL K 46 21.86 2.95 -36.90
CA VAL K 46 23.04 3.48 -37.57
CA VAL K 46 23.04 3.48 -37.58
C VAL K 46 22.61 4.58 -38.55
N TYR K 47 23.46 5.59 -38.69
CA TYR K 47 23.33 6.56 -39.78
C TYR K 47 24.26 6.09 -40.90
N SER K 48 23.70 5.85 -42.09
CA SER K 48 24.49 5.32 -43.18
C SER K 48 23.89 5.80 -44.50
N ASP K 49 24.76 6.36 -45.35
CA ASP K 49 24.36 6.83 -46.68
C ASP K 49 23.08 7.67 -46.64
N GLY K 50 23.08 8.65 -45.74
CA GLY K 50 22.03 9.64 -45.69
C GLY K 50 20.76 9.25 -44.96
N GLN K 51 20.71 8.07 -44.34
CA GLN K 51 19.48 7.64 -43.68
C GLN K 51 19.81 6.95 -42.36
N ARG K 52 18.90 7.09 -41.41
CA ARG K 52 18.95 6.29 -40.20
C ARG K 52 18.37 4.92 -40.49
N ARG K 53 19.11 3.88 -40.12
CA ARG K 53 18.68 2.51 -40.39
C ARG K 53 18.73 1.72 -39.09
N HIS K 54 17.78 0.80 -38.94
CA HIS K 54 17.57 0.11 -37.68
C HIS K 54 17.54 -1.38 -37.94
N PHE K 55 18.48 -2.11 -37.33
CA PHE K 55 18.63 -3.54 -37.51
C PHE K 55 18.27 -4.27 -36.23
N ILE K 56 17.40 -5.27 -36.35
CA ILE K 56 17.18 -6.16 -35.21
C ILE K 56 18.40 -7.04 -35.02
N ILE K 57 18.91 -7.11 -33.80
CA ILE K 57 19.98 -8.03 -33.44
C ILE K 57 19.32 -9.37 -33.16
N GLN K 58 19.50 -10.32 -34.07
CA GLN K 58 18.84 -11.60 -33.94
C GLN K 58 19.43 -12.37 -32.76
N TYR K 59 18.56 -12.99 -31.98
CA TYR K 59 18.96 -13.84 -30.88
C TYR K 59 18.39 -15.21 -31.17
N VAL K 60 19.25 -16.15 -31.55
CA VAL K 60 18.86 -17.48 -32.00
C VAL K 60 19.91 -18.46 -31.52
N ASP K 61 19.46 -19.61 -31.03
CA ASP K 61 20.37 -20.67 -30.58
C ASP K 61 21.38 -20.14 -29.56
N ASN K 62 20.90 -19.30 -28.64
CA ASN K 62 21.70 -18.73 -27.57
C ASN K 62 22.83 -17.84 -28.07
N MET K 63 22.67 -17.27 -29.26
CA MET K 63 23.69 -16.44 -29.87
C MET K 63 23.06 -15.20 -30.47
N TYR K 64 23.82 -14.11 -30.48
CA TYR K 64 23.41 -12.88 -31.13
C TYR K 64 24.12 -12.75 -32.48
N ARG K 65 23.40 -12.30 -33.49
CA ARG K 65 23.98 -12.23 -34.82
C ARG K 65 23.17 -11.30 -35.70
N PHE K 66 23.76 -10.95 -36.84
CA PHE K 66 23.04 -10.36 -37.94
C PHE K 66 22.87 -11.42 -39.00
N GLU K 67 23.81 -11.60 -39.92
CA GLU K 67 23.67 -12.52 -41.04
C GLU K 67 24.68 -13.67 -41.02
N GLY K 68 25.62 -13.68 -40.09
CA GLY K 68 26.63 -14.71 -40.16
C GLY K 68 26.96 -15.33 -38.82
N THR K 69 28.20 -15.13 -38.38
CA THR K 69 28.70 -15.70 -37.13
C THR K 69 27.84 -15.27 -35.95
N GLY K 70 27.61 -16.20 -35.03
CA GLY K 70 26.93 -15.88 -33.78
C GLY K 70 27.90 -15.59 -32.65
N PHE K 71 27.46 -14.75 -31.71
CA PHE K 71 28.28 -14.34 -30.58
C PHE K 71 27.52 -14.53 -29.28
N SER K 72 28.26 -14.77 -28.20
CA SER K 72 27.65 -15.04 -26.91
CA SER K 72 27.64 -15.04 -26.92
C SER K 72 26.91 -13.83 -26.37
N ASN K 73 27.38 -12.63 -26.68
CA ASN K 73 26.76 -11.42 -26.16
C ASN K 73 26.87 -10.32 -27.20
N ILE K 74 26.06 -9.28 -27.02
CA ILE K 74 25.98 -8.17 -27.95
C ILE K 74 27.27 -7.38 -28.02
N PRO K 75 27.95 -7.08 -26.90
CA PRO K 75 29.24 -6.36 -27.02
C PRO K 75 30.24 -7.08 -27.92
N GLN K 76 30.28 -8.41 -27.89
CA GLN K 76 31.18 -9.14 -28.78
CA GLN K 76 31.18 -9.15 -28.77
C GLN K 76 30.80 -8.94 -30.23
N LEU K 77 29.50 -9.00 -30.54
CA LEU K 77 29.03 -8.81 -31.91
C LEU K 77 29.35 -7.40 -32.38
N ILE K 78 29.06 -6.40 -31.56
CA ILE K 78 29.32 -5.01 -31.97
C ILE K 78 30.81 -4.77 -32.12
N ASP K 79 31.61 -5.26 -31.18
CA ASP K 79 33.06 -5.05 -31.27
C ASP K 79 33.65 -5.73 -32.50
N HIS K 80 33.10 -6.89 -32.87
CA HIS K 80 33.54 -7.54 -34.10
C HIS K 80 33.34 -6.63 -35.32
N HIS K 81 32.16 -6.02 -35.42
CA HIS K 81 31.89 -5.16 -36.57
C HIS K 81 32.65 -3.85 -36.48
N TYR K 82 32.83 -3.33 -35.27
CA TYR K 82 33.54 -2.07 -35.09
C TYR K 82 35.03 -2.22 -35.43
N THR K 83 35.64 -3.35 -35.05
CA THR K 83 37.07 -3.50 -35.29
C THR K 83 37.37 -3.93 -36.72
N THR K 84 36.60 -4.89 -37.25
CA THR K 84 36.90 -5.43 -38.57
C THR K 84 36.33 -4.59 -39.70
N LYS K 85 35.35 -3.73 -39.43
CA LYS K 85 34.63 -2.96 -40.43
C LYS K 85 33.84 -3.84 -41.40
N GLN K 86 33.61 -5.11 -41.05
CA GLN K 86 32.77 -5.96 -41.86
C GLN K 86 31.34 -5.44 -41.85
N VAL K 87 30.67 -5.56 -43.00
CA VAL K 87 29.34 -4.97 -43.14
C VAL K 87 28.35 -5.67 -42.22
N ILE K 88 27.35 -4.90 -41.75
CA ILE K 88 26.31 -5.46 -40.90
C ILE K 88 25.53 -6.54 -41.64
N THR K 89 25.12 -6.24 -42.88
CA THR K 89 24.52 -7.21 -43.77
C THR K 89 25.03 -6.91 -45.18
N LYS K 90 25.10 -7.96 -46.01
CA LYS K 90 25.50 -7.78 -47.40
C LYS K 90 24.56 -6.80 -48.11
N LYS K 91 23.26 -6.95 -47.87
CA LYS K 91 22.28 -6.12 -48.56
C LYS K 91 22.44 -4.64 -48.20
N SER K 92 22.73 -4.35 -46.92
CA SER K 92 22.80 -2.96 -46.49
C SER K 92 24.18 -2.34 -46.71
N GLY K 93 25.25 -3.14 -46.61
CA GLY K 93 26.59 -2.61 -46.72
C GLY K 93 26.99 -1.66 -45.61
N VAL K 94 26.26 -1.65 -44.50
CA VAL K 94 26.49 -0.68 -43.44
C VAL K 94 27.76 -1.02 -42.67
N VAL K 95 28.58 0.00 -42.39
CA VAL K 95 29.83 -0.13 -41.64
C VAL K 95 29.77 0.76 -40.40
N LEU K 96 30.14 0.20 -39.25
CA LEU K 96 30.13 0.94 -38.00
C LEU K 96 31.41 1.76 -37.86
N LEU K 97 31.25 3.07 -37.64
CA LEU K 97 32.40 3.97 -37.53
C LEU K 97 32.49 4.71 -36.21
N ASN K 98 31.40 5.25 -35.69
CA ASN K 98 31.44 6.17 -34.55
C ASN K 98 30.42 5.74 -33.49
N PRO K 99 30.86 5.17 -32.38
CA PRO K 99 29.90 4.87 -31.30
C PRO K 99 29.42 6.15 -30.64
N ILE K 100 28.10 6.32 -30.57
CA ILE K 100 27.49 7.53 -30.02
C ILE K 100 27.21 7.28 -28.54
N PRO K 101 27.75 8.10 -27.63
CA PRO K 101 27.51 7.89 -26.21
C PRO K 101 26.22 8.58 -25.75
N LYS K 102 25.84 8.27 -24.51
CA LYS K 102 24.64 8.86 -23.90
C LYS K 102 24.89 10.29 -23.44
N ASP L 1 6.82 0.72 -37.76
CA ASP L 1 8.04 1.28 -38.33
C ASP L 1 8.91 0.17 -38.90
N GLU L 2 9.72 0.52 -39.89
CA GLU L 2 10.53 -0.47 -40.59
C GLU L 2 11.84 -0.80 -39.89
N PTR L 3 12.14 -2.09 -39.83
CA PTR L 3 13.48 -2.56 -39.48
C PTR L 3 14.12 -3.07 -40.76
O PTR L 3 13.47 -3.75 -41.56
CB PTR L 3 13.45 -3.59 -38.34
CG PTR L 3 13.13 -2.98 -36.97
CD1 PTR L 3 14.09 -2.27 -36.26
CD2 PTR L 3 11.87 -3.13 -36.40
CE1 PTR L 3 13.80 -1.73 -35.01
CE2 PTR L 3 11.58 -2.59 -35.16
CZ PTR L 3 12.54 -1.88 -34.47
OH PTR L 3 12.28 -1.37 -33.29
P PTR L 3 11.64 0.10 -33.07
O1P PTR L 3 11.70 0.32 -31.54
O2P PTR L 3 12.49 1.08 -33.80
O3P PTR L 3 10.22 0.06 -33.58
N GLU L 4 15.40 -2.75 -40.95
CA GLU L 4 16.10 -3.02 -42.20
C GLU L 4 16.13 -4.49 -42.55
N ASN L 5 16.41 -5.33 -41.56
CA ASN L 5 16.58 -6.77 -41.76
C ASN L 5 15.33 -7.57 -41.43
N VAL L 6 14.17 -6.93 -41.43
CA VAL L 6 12.90 -7.64 -41.27
C VAL L 6 11.92 -7.22 -42.35
#